data_2YRK
#
_entry.id   2YRK
#
loop_
_entity.id
_entity.type
_entity.pdbx_description
1 polymer 'Zinc finger homeobox protein 4'
2 non-polymer 'ZINC ION'
#
_entity_poly.entity_id   1
_entity_poly.type   'polypeptide(L)'
_entity_poly.pdbx_seq_one_letter_code
;GSSGSSGGTDGTKPECTLCGVKYSARLSIRDHIFSKQHISKVRETVGSQLDREKD
;
_entity_poly.pdbx_strand_id   A
#
# COMPACT_ATOMS: atom_id res chain seq x y z
N GLY A 1 -42.14 9.65 -2.71
CA GLY A 1 -41.13 9.89 -3.72
C GLY A 1 -39.92 8.97 -3.57
N SER A 2 -38.80 9.36 -4.17
CA SER A 2 -37.58 8.57 -4.10
C SER A 2 -36.38 9.45 -3.79
N SER A 3 -35.44 8.91 -3.03
CA SER A 3 -34.24 9.66 -2.65
C SER A 3 -33.13 9.44 -3.68
N GLY A 4 -32.88 8.18 -4.01
CA GLY A 4 -31.84 7.87 -4.98
C GLY A 4 -30.80 6.91 -4.42
N SER A 5 -30.26 6.06 -5.29
CA SER A 5 -29.26 5.08 -4.88
C SER A 5 -27.93 5.34 -5.58
N SER A 6 -26.89 4.63 -5.15
CA SER A 6 -25.57 4.79 -5.73
C SER A 6 -25.15 3.54 -6.50
N GLY A 7 -24.60 3.73 -7.68
CA GLY A 7 -24.16 2.62 -8.50
C GLY A 7 -22.79 2.83 -9.11
N GLY A 8 -21.82 3.23 -8.29
CA GLY A 8 -20.49 3.47 -8.78
C GLY A 8 -19.63 4.24 -7.79
N THR A 9 -18.56 3.62 -7.32
CA THR A 9 -17.67 4.26 -6.37
C THR A 9 -16.43 4.84 -7.06
N ASP A 10 -15.91 5.92 -6.50
CA ASP A 10 -14.74 6.57 -7.07
C ASP A 10 -13.86 7.16 -5.97
N GLY A 11 -12.56 6.86 -6.03
CA GLY A 11 -11.63 7.35 -5.03
C GLY A 11 -10.32 6.59 -5.03
N THR A 12 -9.52 6.79 -6.07
CA THR A 12 -8.24 6.13 -6.20
C THR A 12 -7.12 6.99 -5.62
N LYS A 13 -7.41 7.67 -4.52
CA LYS A 13 -6.44 8.53 -3.86
C LYS A 13 -5.06 7.85 -3.81
N PRO A 14 -4.01 8.65 -3.94
CA PRO A 14 -2.63 8.15 -3.91
C PRO A 14 -2.22 7.66 -2.53
N GLU A 15 -2.40 6.37 -2.28
CA GLU A 15 -2.04 5.78 -1.00
C GLU A 15 -1.52 4.36 -1.17
N CYS A 16 -0.95 3.81 -0.10
CA CYS A 16 -0.41 2.46 -0.14
C CYS A 16 -1.08 1.57 0.91
N THR A 17 -2.32 1.20 0.65
CA THR A 17 -3.08 0.35 1.57
C THR A 17 -2.20 -0.76 2.15
N LEU A 18 -1.19 -1.15 1.38
CA LEU A 18 -0.28 -2.21 1.81
C LEU A 18 0.61 -1.72 2.96
N CYS A 19 1.19 -0.55 2.79
CA CYS A 19 2.07 0.02 3.81
C CYS A 19 1.34 1.12 4.59
N GLY A 20 0.05 1.27 4.32
CA GLY A 20 -0.74 2.30 4.99
C GLY A 20 -0.07 3.66 4.96
N VAL A 21 0.72 3.91 3.91
CA VAL A 21 1.42 5.17 3.76
C VAL A 21 0.77 6.03 2.69
N LYS A 22 -0.26 6.78 3.08
CA LYS A 22 -0.98 7.65 2.15
C LYS A 22 -0.04 8.72 1.58
N TYR A 23 0.30 8.58 0.30
CA TYR A 23 1.18 9.54 -0.35
C TYR A 23 0.59 10.94 -0.32
N SER A 24 1.47 11.94 -0.22
CA SER A 24 1.03 13.33 -0.16
C SER A 24 0.76 13.86 -1.57
N ALA A 25 -0.18 14.80 -1.66
CA ALA A 25 -0.55 15.39 -2.95
C ALA A 25 0.68 15.52 -3.85
N ARG A 26 1.83 15.74 -3.25
CA ARG A 26 3.08 15.89 -4.00
C ARG A 26 3.69 14.53 -4.32
N LEU A 27 3.99 13.76 -3.27
CA LEU A 27 4.58 12.44 -3.44
C LEU A 27 3.86 11.65 -4.53
N SER A 28 4.45 10.55 -4.94
CA SER A 28 3.87 9.71 -5.98
C SER A 28 4.10 8.23 -5.69
N ILE A 29 3.27 7.37 -6.27
CA ILE A 29 3.39 5.94 -6.07
C ILE A 29 4.82 5.46 -6.32
N ARG A 30 5.45 6.01 -7.34
CA ARG A 30 6.82 5.64 -7.69
C ARG A 30 7.77 6.02 -6.56
N ASP A 31 7.83 7.30 -6.23
CA ASP A 31 8.70 7.79 -5.16
C ASP A 31 8.60 6.90 -3.93
N HIS A 32 7.40 6.39 -3.68
CA HIS A 32 7.16 5.54 -2.53
C HIS A 32 7.80 4.16 -2.73
N ILE A 33 7.23 3.38 -3.65
CA ILE A 33 7.74 2.05 -3.94
C ILE A 33 9.25 2.07 -4.13
N PHE A 34 9.78 3.25 -4.47
CA PHE A 34 11.21 3.40 -4.69
C PHE A 34 11.91 3.85 -3.41
N SER A 35 11.40 3.40 -2.27
CA SER A 35 11.97 3.76 -0.98
C SER A 35 11.88 2.59 0.00
N LYS A 36 13.01 2.29 0.66
CA LYS A 36 13.06 1.20 1.62
C LYS A 36 11.74 1.07 2.37
N GLN A 37 11.19 2.20 2.80
CA GLN A 37 9.92 2.20 3.53
C GLN A 37 8.94 1.20 2.92
N HIS A 38 8.76 1.28 1.60
CA HIS A 38 7.85 0.37 0.91
C HIS A 38 8.47 -1.02 0.76
N ILE A 39 9.62 -1.08 0.11
CA ILE A 39 10.31 -2.35 -0.10
C ILE A 39 10.21 -3.24 1.13
N SER A 40 10.66 -2.72 2.28
CA SER A 40 10.63 -3.46 3.53
C SER A 40 9.32 -4.22 3.66
N LYS A 41 8.21 -3.51 3.58
CA LYS A 41 6.88 -4.11 3.69
C LYS A 41 6.71 -5.23 2.66
N VAL A 42 7.27 -5.03 1.48
CA VAL A 42 7.18 -6.02 0.41
C VAL A 42 8.06 -7.23 0.71
N ARG A 43 9.09 -7.02 1.52
CA ARG A 43 10.01 -8.10 1.88
C ARG A 43 9.46 -8.89 3.06
N GLU A 44 8.73 -8.22 3.94
CA GLU A 44 8.14 -8.87 5.12
C GLU A 44 6.79 -9.48 4.78
N THR A 45 5.90 -8.66 4.22
CA THR A 45 4.57 -9.11 3.86
C THR A 45 4.58 -10.56 3.40
N VAL A 46 5.63 -10.93 2.66
CA VAL A 46 5.77 -12.29 2.16
C VAL A 46 6.94 -13.01 2.82
N GLY A 47 8.10 -12.34 2.85
CA GLY A 47 9.27 -12.93 3.45
C GLY A 47 10.42 -13.07 2.48
N SER A 48 11.64 -13.07 2.99
CA SER A 48 12.83 -13.19 2.16
C SER A 48 13.37 -14.63 2.18
N GLN A 49 13.40 -15.22 3.37
CA GLN A 49 13.89 -16.57 3.53
C GLN A 49 13.32 -17.49 2.46
N LEU A 50 14.18 -18.32 1.87
CA LEU A 50 13.75 -19.25 0.83
C LEU A 50 12.94 -20.40 1.42
N ASP A 51 12.29 -21.16 0.56
CA ASP A 51 11.47 -22.28 0.98
C ASP A 51 12.32 -23.54 1.14
N ARG A 52 11.88 -24.45 2.01
CA ARG A 52 12.61 -25.69 2.25
C ARG A 52 13.08 -26.31 0.94
N GLU A 53 12.12 -26.77 0.14
CA GLU A 53 12.43 -27.38 -1.15
C GLU A 53 12.20 -26.41 -2.29
N LYS A 54 13.19 -26.29 -3.18
CA LYS A 54 13.09 -25.40 -4.32
C LYS A 54 12.46 -26.11 -5.52
N ASP A 55 11.78 -25.34 -6.35
CA ASP A 55 11.13 -25.89 -7.54
C ASP A 55 12.13 -26.06 -8.69
N GLY A 1 -40.73 -1.38 4.74
CA GLY A 1 -40.46 -0.68 3.49
C GLY A 1 -39.00 -0.75 3.11
N SER A 2 -38.68 -0.26 1.91
CA SER A 2 -37.31 -0.27 1.41
C SER A 2 -37.18 0.61 0.17
N SER A 3 -36.01 1.25 0.03
CA SER A 3 -35.76 2.12 -1.11
C SER A 3 -34.56 1.63 -1.91
N GLY A 4 -33.43 1.49 -1.22
CA GLY A 4 -32.22 1.03 -1.89
C GLY A 4 -31.46 2.15 -2.55
N SER A 5 -30.69 2.90 -1.76
CA SER A 5 -29.91 4.01 -2.27
C SER A 5 -28.98 3.56 -3.40
N SER A 6 -28.22 2.51 -3.14
CA SER A 6 -27.29 1.97 -4.13
C SER A 6 -26.49 3.09 -4.78
N GLY A 7 -26.10 4.08 -3.98
CA GLY A 7 -25.34 5.21 -4.51
C GLY A 7 -24.01 5.37 -3.80
N GLY A 8 -22.92 5.24 -4.55
CA GLY A 8 -21.59 5.38 -3.98
C GLY A 8 -20.71 6.33 -4.77
N THR A 9 -19.54 6.64 -4.22
CA THR A 9 -18.61 7.54 -4.89
C THR A 9 -17.44 6.77 -5.49
N ASP A 10 -17.20 6.97 -6.78
CA ASP A 10 -16.11 6.30 -7.46
C ASP A 10 -14.89 7.21 -7.60
N GLY A 11 -14.01 7.17 -6.61
CA GLY A 11 -12.82 8.00 -6.64
C GLY A 11 -11.58 7.27 -6.18
N THR A 12 -10.41 7.81 -6.51
CA THR A 12 -9.15 7.20 -6.13
C THR A 12 -8.18 8.22 -5.57
N LYS A 13 -7.33 7.79 -4.63
CA LYS A 13 -6.36 8.69 -4.02
C LYS A 13 -4.99 8.01 -3.93
N PRO A 14 -3.92 8.83 -4.01
CA PRO A 14 -2.55 8.33 -3.94
C PRO A 14 -2.18 7.83 -2.55
N GLU A 15 -2.37 6.54 -2.32
CA GLU A 15 -2.06 5.94 -1.03
C GLU A 15 -1.50 4.53 -1.20
N CYS A 16 -1.00 3.96 -0.11
CA CYS A 16 -0.44 2.62 -0.14
C CYS A 16 -1.15 1.71 0.86
N THR A 17 -2.32 1.22 0.48
CA THR A 17 -3.10 0.34 1.35
C THR A 17 -2.23 -0.78 1.92
N LEU A 18 -1.13 -1.07 1.24
CA LEU A 18 -0.21 -2.12 1.68
C LEU A 18 0.61 -1.65 2.88
N CYS A 19 1.15 -0.43 2.79
CA CYS A 19 1.96 0.13 3.85
C CYS A 19 1.16 1.15 4.66
N GLY A 20 -0.13 1.27 4.35
CA GLY A 20 -0.98 2.21 5.05
C GLY A 20 -0.44 3.63 4.99
N VAL A 21 0.43 3.89 4.03
CA VAL A 21 1.01 5.22 3.86
C VAL A 21 0.33 5.99 2.73
N LYS A 22 -0.26 7.12 3.08
CA LYS A 22 -0.95 7.96 2.10
C LYS A 22 -0.01 9.00 1.51
N TYR A 23 0.36 8.82 0.26
CA TYR A 23 1.28 9.74 -0.42
C TYR A 23 0.69 11.16 -0.43
N SER A 24 1.56 12.15 -0.51
CA SER A 24 1.13 13.54 -0.54
C SER A 24 0.86 14.00 -1.96
N ALA A 25 -0.04 14.97 -2.10
CA ALA A 25 -0.40 15.51 -3.41
C ALA A 25 0.82 15.53 -4.34
N ARG A 26 2.00 15.73 -3.77
CA ARG A 26 3.23 15.77 -4.54
C ARG A 26 3.78 14.37 -4.77
N LEU A 27 4.04 13.66 -3.67
CA LEU A 27 4.57 12.30 -3.75
C LEU A 27 3.79 11.46 -4.76
N SER A 28 4.41 10.39 -5.22
CA SER A 28 3.77 9.50 -6.19
C SER A 28 3.98 8.04 -5.82
N ILE A 29 3.06 7.19 -6.26
CA ILE A 29 3.14 5.76 -5.98
C ILE A 29 4.56 5.24 -6.18
N ARG A 30 5.18 5.64 -7.28
CA ARG A 30 6.53 5.21 -7.60
C ARG A 30 7.52 5.71 -6.54
N ASP A 31 7.70 7.03 -6.48
CA ASP A 31 8.61 7.63 -5.52
C ASP A 31 8.51 6.92 -4.17
N HIS A 32 7.36 6.33 -3.90
CA HIS A 32 7.14 5.63 -2.64
C HIS A 32 7.78 4.24 -2.67
N ILE A 33 7.27 3.39 -3.56
CA ILE A 33 7.78 2.03 -3.70
C ILE A 33 9.29 2.03 -3.95
N PHE A 34 9.81 3.20 -4.34
CA PHE A 34 11.23 3.33 -4.61
C PHE A 34 11.99 3.77 -3.36
N SER A 35 11.43 3.45 -2.20
CA SER A 35 12.04 3.81 -0.92
C SER A 35 12.10 2.61 0.01
N LYS A 36 13.26 2.41 0.64
CA LYS A 36 13.45 1.30 1.56
C LYS A 36 12.20 1.09 2.42
N GLN A 37 11.65 2.18 2.94
CA GLN A 37 10.46 2.11 3.77
C GLN A 37 9.45 1.12 3.20
N HIS A 38 9.04 1.35 1.95
CA HIS A 38 8.08 0.48 1.29
C HIS A 38 8.70 -0.88 0.99
N ILE A 39 9.94 -0.88 0.54
CA ILE A 39 10.65 -2.11 0.22
C ILE A 39 10.47 -3.15 1.31
N SER A 40 10.81 -2.77 2.55
CA SER A 40 10.68 -3.67 3.69
C SER A 40 9.34 -4.39 3.66
N LYS A 41 8.27 -3.62 3.67
CA LYS A 41 6.91 -4.18 3.64
C LYS A 41 6.78 -5.23 2.53
N VAL A 42 7.32 -4.90 1.36
CA VAL A 42 7.26 -5.80 0.21
C VAL A 42 8.06 -7.07 0.48
N ARG A 43 9.05 -6.98 1.35
CA ARG A 43 9.89 -8.12 1.69
C ARG A 43 9.24 -8.96 2.78
N GLU A 44 8.57 -8.30 3.72
CA GLU A 44 7.90 -8.99 4.82
C GLU A 44 6.63 -9.68 4.34
N THR A 45 5.76 -8.92 3.69
CA THR A 45 4.50 -9.45 3.19
C THR A 45 4.69 -10.87 2.65
N VAL A 46 5.83 -11.11 2.01
CA VAL A 46 6.13 -12.43 1.46
C VAL A 46 7.46 -12.95 1.97
N GLY A 47 7.44 -14.14 2.56
CA GLY A 47 8.65 -14.74 3.08
C GLY A 47 8.89 -16.14 2.57
N SER A 48 8.73 -16.33 1.27
CA SER A 48 8.91 -17.64 0.64
C SER A 48 10.03 -18.41 1.35
N GLN A 49 9.69 -19.61 1.81
CA GLN A 49 10.66 -20.45 2.51
C GLN A 49 11.21 -21.53 1.57
N LEU A 50 12.48 -21.39 1.22
CA LEU A 50 13.14 -22.35 0.33
C LEU A 50 13.07 -23.76 0.91
N ASP A 51 12.83 -24.73 0.04
CA ASP A 51 12.75 -26.12 0.46
C ASP A 51 13.91 -26.93 -0.11
N ARG A 52 13.97 -28.22 0.25
CA ARG A 52 15.03 -29.09 -0.22
C ARG A 52 15.46 -28.74 -1.64
N GLU A 53 16.69 -28.26 -1.79
CA GLU A 53 17.21 -27.88 -3.09
C GLU A 53 18.50 -28.64 -3.40
N LYS A 54 18.74 -28.90 -4.68
CA LYS A 54 19.93 -29.61 -5.11
C LYS A 54 20.66 -28.83 -6.21
N ASP A 55 21.71 -28.12 -5.83
CA ASP A 55 22.49 -27.33 -6.79
C ASP A 55 23.80 -28.05 -7.12
N GLY A 1 -26.78 -15.62 -5.52
CA GLY A 1 -28.16 -15.26 -5.82
C GLY A 1 -28.26 -14.25 -6.94
N SER A 2 -28.90 -13.12 -6.67
CA SER A 2 -29.07 -12.08 -7.68
C SER A 2 -28.13 -10.91 -7.42
N SER A 3 -27.76 -10.21 -8.48
CA SER A 3 -26.85 -9.08 -8.37
C SER A 3 -27.60 -7.81 -7.96
N GLY A 4 -26.86 -6.81 -7.52
CA GLY A 4 -27.47 -5.56 -7.09
C GLY A 4 -26.95 -5.07 -5.76
N SER A 5 -25.73 -4.53 -5.77
CA SER A 5 -25.12 -4.03 -4.54
C SER A 5 -24.12 -2.92 -4.85
N SER A 6 -23.67 -2.22 -3.81
CA SER A 6 -22.72 -1.13 -3.96
C SER A 6 -21.51 -1.33 -3.05
N GLY A 7 -20.55 -2.13 -3.50
CA GLY A 7 -19.37 -2.39 -2.71
C GLY A 7 -18.37 -1.24 -2.78
N GLY A 8 -17.22 -1.42 -2.12
CA GLY A 8 -16.20 -0.38 -2.12
C GLY A 8 -16.76 0.98 -1.74
N THR A 9 -15.89 1.98 -1.70
CA THR A 9 -16.30 3.34 -1.35
C THR A 9 -15.54 4.37 -2.16
N ASP A 10 -16.18 5.50 -2.45
CA ASP A 10 -15.57 6.56 -3.22
C ASP A 10 -14.31 7.09 -2.51
N GLY A 11 -13.30 7.44 -3.30
CA GLY A 11 -12.06 7.95 -2.73
C GLY A 11 -10.84 7.27 -3.31
N THR A 12 -10.53 7.56 -4.57
CA THR A 12 -9.39 6.97 -5.24
C THR A 12 -8.19 7.92 -5.20
N LYS A 13 -7.47 7.90 -4.08
CA LYS A 13 -6.30 8.75 -3.92
C LYS A 13 -5.01 7.92 -3.89
N PRO A 14 -3.88 8.57 -4.18
CA PRO A 14 -2.57 7.91 -4.20
C PRO A 14 -2.10 7.52 -2.80
N GLU A 15 -2.42 6.29 -2.40
CA GLU A 15 -2.03 5.79 -1.09
C GLU A 15 -1.48 4.37 -1.18
N CYS A 16 -1.01 3.85 -0.05
CA CYS A 16 -0.47 2.50 0.00
C CYS A 16 -1.14 1.68 1.09
N THR A 17 -2.27 1.06 0.74
CA THR A 17 -3.02 0.25 1.70
C THR A 17 -2.13 -0.82 2.31
N LEU A 18 -1.01 -1.12 1.66
CA LEU A 18 -0.07 -2.11 2.15
C LEU A 18 0.80 -1.55 3.26
N CYS A 19 1.30 -0.34 3.05
CA CYS A 19 2.15 0.33 4.03
C CYS A 19 1.38 1.40 4.79
N GLY A 20 0.07 1.46 4.55
CA GLY A 20 -0.76 2.44 5.22
C GLY A 20 -0.22 3.85 5.05
N VAL A 21 0.57 4.07 4.02
CA VAL A 21 1.15 5.39 3.75
C VAL A 21 0.44 6.08 2.60
N LYS A 22 -0.26 7.16 2.92
CA LYS A 22 -0.99 7.92 1.90
C LYS A 22 -0.10 8.99 1.27
N TYR A 23 0.36 8.72 0.06
CA TYR A 23 1.23 9.66 -0.66
C TYR A 23 0.58 11.04 -0.74
N SER A 24 1.42 12.07 -0.81
CA SER A 24 0.92 13.44 -0.89
C SER A 24 0.67 13.84 -2.35
N ALA A 25 -0.16 14.85 -2.54
CA ALA A 25 -0.48 15.33 -3.88
C ALA A 25 0.72 15.22 -4.81
N ARG A 26 1.88 15.67 -4.33
CA ARG A 26 3.10 15.60 -5.13
C ARG A 26 3.61 14.16 -5.24
N LEU A 27 4.06 13.62 -4.12
CA LEU A 27 4.58 12.24 -4.10
C LEU A 27 3.81 11.37 -5.07
N SER A 28 4.51 10.40 -5.66
CA SER A 28 3.89 9.48 -6.61
C SER A 28 4.13 8.04 -6.21
N ILE A 29 3.15 7.18 -6.49
CA ILE A 29 3.25 5.77 -6.16
C ILE A 29 4.66 5.26 -6.36
N ARG A 30 5.31 5.73 -7.42
CA ARG A 30 6.68 5.31 -7.72
C ARG A 30 7.65 5.80 -6.65
N ASP A 31 7.74 7.11 -6.49
CA ASP A 31 8.63 7.71 -5.50
C ASP A 31 8.52 6.98 -4.16
N HIS A 32 7.37 6.35 -3.93
CA HIS A 32 7.14 5.62 -2.69
C HIS A 32 7.76 4.23 -2.76
N ILE A 33 7.17 3.36 -3.59
CA ILE A 33 7.67 2.01 -3.75
C ILE A 33 9.19 1.98 -3.88
N PHE A 34 9.76 3.12 -4.28
CA PHE A 34 11.21 3.22 -4.43
C PHE A 34 11.85 3.75 -3.15
N SER A 35 11.27 3.38 -2.02
CA SER A 35 11.79 3.82 -0.72
C SER A 35 11.85 2.64 0.26
N LYS A 36 13.00 2.48 0.91
CA LYS A 36 13.18 1.40 1.87
C LYS A 36 11.89 1.12 2.63
N GLN A 37 11.29 2.18 3.18
CA GLN A 37 10.06 2.04 3.94
C GLN A 37 9.12 1.03 3.28
N HIS A 38 8.84 1.24 2.00
CA HIS A 38 7.97 0.34 1.26
C HIS A 38 8.68 -0.96 0.92
N ILE A 39 9.97 -0.86 0.58
CA ILE A 39 10.76 -2.03 0.24
C ILE A 39 10.62 -3.12 1.28
N SER A 40 10.94 -2.78 2.53
CA SER A 40 10.85 -3.74 3.63
C SER A 40 9.49 -4.41 3.66
N LYS A 41 8.43 -3.59 3.69
CA LYS A 41 7.06 -4.10 3.72
C LYS A 41 6.85 -5.13 2.61
N VAL A 42 7.37 -4.84 1.42
CA VAL A 42 7.23 -5.74 0.29
C VAL A 42 7.92 -7.07 0.55
N ARG A 43 9.09 -7.02 1.16
CA ARG A 43 9.85 -8.22 1.49
C ARG A 43 9.14 -9.04 2.56
N GLU A 44 8.51 -8.35 3.50
CA GLU A 44 7.79 -9.01 4.59
C GLU A 44 6.61 -9.83 4.04
N THR A 45 5.69 -9.15 3.39
CA THR A 45 4.51 -9.82 2.82
C THR A 45 4.91 -10.98 1.93
N VAL A 46 5.94 -10.76 1.10
CA VAL A 46 6.42 -11.80 0.20
C VAL A 46 7.95 -11.83 0.17
N GLY A 47 8.51 -13.03 0.28
CA GLY A 47 9.96 -13.17 0.26
C GLY A 47 10.40 -14.41 -0.48
N SER A 48 11.72 -14.63 -0.53
CA SER A 48 12.28 -15.79 -1.22
C SER A 48 12.91 -16.76 -0.23
N GLN A 49 12.07 -17.62 0.36
CA GLN A 49 12.54 -18.60 1.32
C GLN A 49 13.11 -19.83 0.63
N LEU A 50 12.28 -20.47 -0.19
CA LEU A 50 12.70 -21.67 -0.92
C LEU A 50 12.41 -21.51 -2.42
N ASP A 51 12.11 -20.29 -2.83
CA ASP A 51 11.82 -20.00 -4.23
C ASP A 51 12.98 -19.24 -4.88
N ARG A 52 13.56 -19.84 -5.92
CA ARG A 52 14.67 -19.22 -6.63
C ARG A 52 14.48 -19.33 -8.14
N GLU A 53 15.15 -18.45 -8.88
CA GLU A 53 15.06 -18.46 -10.34
C GLU A 53 16.38 -18.04 -10.97
N LYS A 54 16.92 -18.90 -11.83
CA LYS A 54 18.18 -18.61 -12.51
C LYS A 54 18.01 -18.61 -14.02
N ASP A 55 18.14 -17.44 -14.63
CA ASP A 55 17.99 -17.30 -16.06
C ASP A 55 19.29 -17.65 -16.78
N GLY A 1 -31.77 4.49 3.39
CA GLY A 1 -32.11 3.67 2.24
C GLY A 1 -30.93 3.47 1.30
N SER A 2 -30.08 2.51 1.63
CA SER A 2 -28.90 2.23 0.81
C SER A 2 -28.86 0.76 0.40
N SER A 3 -28.36 0.50 -0.81
CA SER A 3 -28.27 -0.86 -1.31
C SER A 3 -27.02 -1.56 -0.78
N GLY A 4 -26.99 -2.89 -0.90
CA GLY A 4 -25.86 -3.65 -0.42
C GLY A 4 -24.94 -4.09 -1.56
N SER A 5 -23.69 -3.66 -1.50
CA SER A 5 -22.71 -4.00 -2.52
C SER A 5 -21.53 -4.76 -1.92
N SER A 6 -20.89 -5.60 -2.73
CA SER A 6 -19.76 -6.38 -2.28
C SER A 6 -18.53 -5.49 -2.07
N GLY A 7 -17.89 -5.64 -0.91
CA GLY A 7 -16.71 -4.84 -0.61
C GLY A 7 -15.65 -4.95 -1.68
N GLY A 8 -14.73 -3.98 -1.70
CA GLY A 8 -13.66 -3.99 -2.70
C GLY A 8 -13.25 -2.60 -3.10
N THR A 9 -14.03 -1.97 -3.98
CA THR A 9 -13.73 -0.62 -4.45
C THR A 9 -13.46 0.32 -3.28
N ASP A 10 -12.32 1.01 -3.33
CA ASP A 10 -11.95 1.94 -2.28
C ASP A 10 -11.66 3.32 -2.87
N GLY A 11 -11.67 4.34 -2.00
CA GLY A 11 -11.41 5.69 -2.44
C GLY A 11 -10.23 5.79 -3.39
N THR A 12 -10.40 6.53 -4.48
CA THR A 12 -9.34 6.69 -5.46
C THR A 12 -8.38 7.80 -5.06
N LYS A 13 -7.30 7.43 -4.39
CA LYS A 13 -6.30 8.39 -3.94
C LYS A 13 -4.91 7.75 -3.88
N PRO A 14 -3.87 8.58 -4.01
CA PRO A 14 -2.48 8.13 -3.97
C PRO A 14 -2.06 7.66 -2.58
N GLU A 15 -2.21 6.36 -2.32
CA GLU A 15 -1.85 5.79 -1.03
C GLU A 15 -1.35 4.36 -1.20
N CYS A 16 -0.90 3.77 -0.09
CA CYS A 16 -0.39 2.41 -0.10
C CYS A 16 -1.11 1.54 0.94
N THR A 17 -2.26 0.99 0.55
CA THR A 17 -3.03 0.15 1.45
C THR A 17 -2.18 -0.98 2.03
N LEU A 18 -1.05 -1.23 1.41
CA LEU A 18 -0.13 -2.28 1.87
C LEU A 18 0.75 -1.77 3.00
N CYS A 19 1.29 -0.57 2.83
CA CYS A 19 2.15 0.03 3.84
C CYS A 19 1.42 1.12 4.60
N GLY A 20 0.11 1.22 4.39
CA GLY A 20 -0.68 2.22 5.08
C GLY A 20 -0.07 3.60 4.99
N VAL A 21 0.65 3.87 3.90
CA VAL A 21 1.29 5.16 3.70
C VAL A 21 0.60 5.95 2.60
N LYS A 22 -0.23 6.91 3.01
CA LYS A 22 -0.95 7.74 2.05
C LYS A 22 -0.05 8.83 1.49
N TYR A 23 0.40 8.64 0.25
CA TYR A 23 1.26 9.61 -0.40
C TYR A 23 0.66 11.01 -0.36
N SER A 24 1.53 12.02 -0.38
CA SER A 24 1.08 13.41 -0.34
C SER A 24 0.68 13.90 -1.74
N ALA A 25 -0.27 14.83 -1.78
CA ALA A 25 -0.73 15.38 -3.05
C ALA A 25 0.40 15.48 -4.05
N ARG A 26 1.62 15.71 -3.55
CA ARG A 26 2.78 15.83 -4.41
C ARG A 26 3.40 14.46 -4.69
N LEU A 27 3.73 13.74 -3.61
CA LEU A 27 4.34 12.42 -3.74
C LEU A 27 3.62 11.59 -4.80
N SER A 28 4.23 10.48 -5.19
CA SER A 28 3.65 9.60 -6.20
C SER A 28 3.93 8.14 -5.88
N ILE A 29 3.03 7.25 -6.30
CA ILE A 29 3.18 5.82 -6.06
C ILE A 29 4.63 5.39 -6.23
N ARG A 30 5.26 5.83 -7.31
CA ARG A 30 6.65 5.49 -7.59
C ARG A 30 7.55 5.96 -6.45
N ASP A 31 7.72 7.27 -6.33
CA ASP A 31 8.56 7.83 -5.28
C ASP A 31 8.49 7.00 -4.01
N HIS A 32 7.31 6.47 -3.73
CA HIS A 32 7.10 5.65 -2.53
C HIS A 32 7.83 4.32 -2.67
N ILE A 33 7.35 3.46 -3.56
CA ILE A 33 7.96 2.16 -3.78
C ILE A 33 9.45 2.28 -4.03
N PHE A 34 9.89 3.49 -4.39
CA PHE A 34 11.30 3.74 -4.65
C PHE A 34 12.04 4.13 -3.38
N SER A 35 11.52 3.68 -2.25
CA SER A 35 12.12 3.97 -0.95
C SER A 35 12.08 2.75 -0.03
N LYS A 36 13.23 2.43 0.56
CA LYS A 36 13.33 1.29 1.46
C LYS A 36 12.04 1.12 2.27
N GLN A 37 11.50 2.23 2.74
CA GLN A 37 10.28 2.21 3.53
C GLN A 37 9.28 1.21 2.95
N HIS A 38 8.98 1.36 1.66
CA HIS A 38 8.04 0.46 0.99
C HIS A 38 8.62 -0.95 0.87
N ILE A 39 9.79 -1.05 0.23
CA ILE A 39 10.44 -2.33 0.05
C ILE A 39 10.26 -3.22 1.28
N SER A 40 10.68 -2.71 2.43
CA SER A 40 10.57 -3.46 3.68
C SER A 40 9.25 -4.20 3.76
N LYS A 41 8.16 -3.45 3.69
CA LYS A 41 6.82 -4.03 3.75
C LYS A 41 6.67 -5.15 2.73
N VAL A 42 7.20 -4.92 1.53
CA VAL A 42 7.12 -5.92 0.47
C VAL A 42 7.85 -7.21 0.86
N ARG A 43 9.05 -7.04 1.42
CA ARG A 43 9.84 -8.19 1.84
C ARG A 43 9.15 -8.96 2.95
N GLU A 44 8.41 -8.25 3.80
CA GLU A 44 7.70 -8.86 4.91
C GLU A 44 6.61 -9.80 4.40
N THR A 45 5.68 -9.26 3.63
CA THR A 45 4.59 -10.06 3.08
C THR A 45 5.11 -11.27 2.34
N VAL A 46 6.15 -11.07 1.52
CA VAL A 46 6.75 -12.15 0.75
C VAL A 46 8.27 -12.03 0.72
N GLY A 47 8.95 -13.15 0.95
CA GLY A 47 10.40 -13.15 0.93
C GLY A 47 10.97 -14.24 0.05
N SER A 48 12.30 -14.30 -0.02
CA SER A 48 12.98 -15.30 -0.84
C SER A 48 12.80 -16.70 -0.26
N GLN A 49 11.92 -17.48 -0.88
CA GLN A 49 11.65 -18.84 -0.43
C GLN A 49 12.94 -19.64 -0.31
N LEU A 50 13.81 -19.50 -1.30
CA LEU A 50 15.08 -20.21 -1.31
C LEU A 50 15.96 -19.78 -0.13
N ASP A 51 15.91 -20.55 0.94
CA ASP A 51 16.69 -20.25 2.14
C ASP A 51 18.03 -20.99 2.10
N ARG A 52 18.08 -22.10 1.38
CA ARG A 52 19.29 -22.89 1.26
C ARG A 52 20.51 -21.99 1.08
N GLU A 53 21.50 -22.16 1.96
CA GLU A 53 22.72 -21.36 1.89
C GLU A 53 23.70 -21.95 0.88
N LYS A 54 24.39 -21.06 0.16
CA LYS A 54 25.36 -21.50 -0.84
C LYS A 54 26.58 -20.57 -0.86
N ASP A 55 27.74 -21.13 -1.16
CA ASP A 55 28.97 -20.35 -1.21
C ASP A 55 29.73 -20.62 -2.51
N GLY A 1 -28.59 -10.40 -15.41
CA GLY A 1 -27.18 -10.50 -15.10
C GLY A 1 -26.90 -11.35 -13.88
N SER A 2 -26.79 -12.66 -14.08
CA SER A 2 -26.54 -13.58 -12.98
C SER A 2 -25.30 -13.16 -12.19
N SER A 3 -24.22 -12.89 -12.92
CA SER A 3 -22.97 -12.48 -12.29
C SER A 3 -23.07 -11.05 -11.75
N GLY A 4 -22.27 -10.76 -10.72
CA GLY A 4 -22.28 -9.43 -10.13
C GLY A 4 -21.14 -8.57 -10.60
N SER A 5 -21.48 -7.44 -11.22
CA SER A 5 -20.46 -6.51 -11.73
C SER A 5 -20.37 -5.27 -10.87
N SER A 6 -21.52 -4.71 -10.52
CA SER A 6 -21.57 -3.51 -9.69
C SER A 6 -20.61 -3.62 -8.52
N GLY A 7 -20.09 -2.47 -8.07
CA GLY A 7 -19.16 -2.46 -6.97
C GLY A 7 -18.10 -1.38 -7.11
N GLY A 8 -17.51 -0.98 -5.98
CA GLY A 8 -16.49 0.05 -6.01
C GLY A 8 -15.52 -0.07 -4.86
N THR A 9 -14.30 -0.52 -5.15
CA THR A 9 -13.28 -0.69 -4.14
C THR A 9 -12.89 0.65 -3.52
N ASP A 10 -13.05 0.78 -2.21
CA ASP A 10 -12.71 2.01 -1.51
C ASP A 10 -11.27 2.42 -1.81
N GLY A 11 -11.11 3.63 -2.35
CA GLY A 11 -9.79 4.12 -2.67
C GLY A 11 -9.78 5.00 -3.91
N THR A 12 -9.51 6.29 -3.72
CA THR A 12 -9.47 7.23 -4.83
C THR A 12 -8.20 8.07 -4.79
N LYS A 13 -7.69 8.33 -3.60
CA LYS A 13 -6.48 9.11 -3.43
C LYS A 13 -5.24 8.22 -3.51
N PRO A 14 -4.10 8.83 -3.90
CA PRO A 14 -2.83 8.11 -4.03
C PRO A 14 -2.26 7.70 -2.67
N GLU A 15 -2.59 6.48 -2.23
CA GLU A 15 -2.12 5.98 -0.96
C GLU A 15 -1.58 4.55 -1.11
N CYS A 16 -1.11 3.99 0.00
CA CYS A 16 -0.57 2.63 0.00
C CYS A 16 -1.25 1.77 1.06
N THR A 17 -2.40 1.20 0.71
CA THR A 17 -3.15 0.36 1.63
C THR A 17 -2.27 -0.74 2.21
N LEU A 18 -1.13 -0.98 1.57
CA LEU A 18 -0.20 -2.01 2.02
C LEU A 18 0.66 -1.50 3.18
N CYS A 19 1.22 -0.30 3.01
CA CYS A 19 2.06 0.30 4.03
C CYS A 19 1.29 1.36 4.82
N GLY A 20 0.00 1.49 4.51
CA GLY A 20 -0.82 2.48 5.19
C GLY A 20 -0.27 3.88 5.08
N VAL A 21 0.49 4.14 4.01
CA VAL A 21 1.08 5.45 3.79
C VAL A 21 0.38 6.17 2.65
N LYS A 22 -0.28 7.29 2.97
CA LYS A 22 -0.99 8.08 1.97
C LYS A 22 -0.05 9.08 1.30
N TYR A 23 0.34 8.79 0.07
CA TYR A 23 1.24 9.67 -0.69
C TYR A 23 0.68 11.09 -0.74
N SER A 24 1.57 12.06 -0.55
CA SER A 24 1.18 13.46 -0.58
C SER A 24 0.91 13.93 -2.01
N ALA A 25 0.06 14.94 -2.15
CA ALA A 25 -0.28 15.47 -3.46
C ALA A 25 0.91 15.43 -4.39
N ARG A 26 2.09 15.71 -3.86
CA ARG A 26 3.31 15.71 -4.65
C ARG A 26 3.82 14.28 -4.86
N LEU A 27 4.16 13.62 -3.77
CA LEU A 27 4.66 12.25 -3.83
C LEU A 27 3.89 11.43 -4.86
N SER A 28 4.48 10.33 -5.30
CA SER A 28 3.84 9.46 -6.28
C SER A 28 4.02 7.99 -5.92
N ILE A 29 3.25 7.12 -6.56
CA ILE A 29 3.32 5.69 -6.30
C ILE A 29 4.75 5.18 -6.46
N ARG A 30 5.42 5.62 -7.52
CA ARG A 30 6.79 5.20 -7.79
C ARG A 30 7.72 5.66 -6.66
N ASP A 31 7.84 6.97 -6.49
CA ASP A 31 8.70 7.53 -5.45
C ASP A 31 8.55 6.75 -4.15
N HIS A 32 7.33 6.29 -3.88
CA HIS A 32 7.06 5.53 -2.66
C HIS A 32 7.69 4.15 -2.72
N ILE A 33 7.15 3.29 -3.58
CA ILE A 33 7.67 1.94 -3.75
C ILE A 33 9.18 1.94 -3.89
N PHE A 34 9.73 3.08 -4.31
CA PHE A 34 11.18 3.21 -4.48
C PHE A 34 11.83 3.72 -3.19
N SER A 35 11.26 3.33 -2.05
CA SER A 35 11.79 3.75 -0.76
C SER A 35 11.81 2.57 0.22
N LYS A 36 12.96 2.34 0.83
CA LYS A 36 13.11 1.26 1.79
C LYS A 36 11.84 1.07 2.61
N GLN A 37 11.35 2.17 3.19
CA GLN A 37 10.15 2.12 4.00
C GLN A 37 9.11 1.17 3.40
N HIS A 38 8.88 1.31 2.09
CA HIS A 38 7.92 0.48 1.38
C HIS A 38 8.54 -0.89 1.05
N ILE A 39 9.81 -0.88 0.70
CA ILE A 39 10.52 -2.11 0.35
C ILE A 39 10.35 -3.15 1.45
N SER A 40 10.76 -2.81 2.66
CA SER A 40 10.67 -3.72 3.80
C SER A 40 9.35 -4.48 3.77
N LYS A 41 8.25 -3.75 3.68
CA LYS A 41 6.92 -4.34 3.64
C LYS A 41 6.79 -5.30 2.46
N VAL A 42 7.41 -4.94 1.34
CA VAL A 42 7.36 -5.76 0.14
C VAL A 42 8.20 -7.02 0.30
N ARG A 43 9.26 -6.92 1.11
CA ARG A 43 10.15 -8.04 1.36
C ARG A 43 9.61 -8.93 2.48
N GLU A 44 8.82 -8.33 3.38
CA GLU A 44 8.25 -9.07 4.49
C GLU A 44 7.07 -9.92 4.03
N THR A 45 6.34 -9.43 3.04
CA THR A 45 5.19 -10.14 2.51
C THR A 45 5.62 -11.35 1.68
N VAL A 46 6.63 -11.15 0.84
CA VAL A 46 7.14 -12.22 -0.01
C VAL A 46 8.66 -12.36 0.14
N GLY A 47 9.37 -11.25 0.01
CA GLY A 47 10.82 -11.27 0.13
C GLY A 47 11.51 -11.32 -1.21
N SER A 48 12.69 -11.92 -1.24
CA SER A 48 13.46 -12.04 -2.47
C SER A 48 13.21 -13.37 -3.16
N GLN A 49 12.32 -13.35 -4.17
CA GLN A 49 11.99 -14.57 -4.90
C GLN A 49 12.62 -14.55 -6.30
N LEU A 50 13.44 -15.55 -6.58
CA LEU A 50 14.10 -15.66 -7.87
C LEU A 50 13.31 -16.54 -8.83
N ASP A 51 12.91 -15.96 -9.97
CA ASP A 51 12.14 -16.71 -10.96
C ASP A 51 12.85 -16.68 -12.31
N ARG A 52 14.17 -16.85 -12.29
CA ARG A 52 14.96 -16.83 -13.51
C ARG A 52 15.27 -18.26 -13.97
N GLU A 53 14.54 -18.73 -14.98
CA GLU A 53 14.74 -20.06 -15.51
C GLU A 53 16.07 -20.18 -16.24
N LYS A 54 17.13 -20.43 -15.50
CA LYS A 54 18.47 -20.56 -16.09
C LYS A 54 18.51 -21.72 -17.08
N ASP A 55 19.01 -21.43 -18.28
CA ASP A 55 19.12 -22.45 -19.32
C ASP A 55 20.50 -22.44 -19.95
N GLY A 1 -35.01 4.26 10.38
CA GLY A 1 -34.52 5.11 11.46
C GLY A 1 -33.01 5.15 11.53
N SER A 2 -32.39 3.98 11.45
CA SER A 2 -30.93 3.88 11.52
C SER A 2 -30.35 3.54 10.14
N SER A 3 -30.77 2.40 9.61
CA SER A 3 -30.29 1.95 8.30
C SER A 3 -30.39 3.07 7.28
N GLY A 4 -29.27 3.36 6.61
CA GLY A 4 -29.25 4.42 5.61
C GLY A 4 -28.13 4.25 4.61
N SER A 5 -28.18 3.16 3.85
CA SER A 5 -27.14 2.87 2.86
C SER A 5 -26.94 4.07 1.94
N SER A 6 -25.78 4.71 2.07
CA SER A 6 -25.45 5.87 1.24
C SER A 6 -24.63 5.47 0.03
N GLY A 7 -24.76 6.25 -1.04
CA GLY A 7 -24.04 5.96 -2.26
C GLY A 7 -22.53 6.00 -2.07
N GLY A 8 -21.95 4.86 -1.70
CA GLY A 8 -20.52 4.78 -1.49
C GLY A 8 -19.73 5.54 -2.54
N THR A 9 -18.89 6.46 -2.09
CA THR A 9 -18.08 7.26 -3.00
C THR A 9 -16.65 6.73 -3.08
N ASP A 10 -16.21 6.41 -4.29
CA ASP A 10 -14.86 5.90 -4.49
C ASP A 10 -14.00 6.91 -5.22
N GLY A 11 -12.69 6.75 -5.12
CA GLY A 11 -11.76 7.66 -5.78
C GLY A 11 -10.37 7.09 -5.92
N THR A 12 -9.59 7.63 -6.84
CA THR A 12 -8.23 7.17 -7.09
C THR A 12 -7.21 8.09 -6.41
N LYS A 13 -6.92 7.82 -5.15
CA LYS A 13 -5.95 8.61 -4.40
C LYS A 13 -4.64 7.84 -4.21
N PRO A 14 -3.52 8.57 -4.26
CA PRO A 14 -2.19 7.99 -4.09
C PRO A 14 -1.94 7.51 -2.66
N GLU A 15 -2.23 6.24 -2.40
CA GLU A 15 -2.04 5.67 -1.08
C GLU A 15 -1.52 4.23 -1.18
N CYS A 16 -0.95 3.74 -0.08
CA CYS A 16 -0.42 2.39 -0.04
C CYS A 16 -1.08 1.57 1.05
N THR A 17 -2.25 1.00 0.74
CA THR A 17 -2.99 0.20 1.70
C THR A 17 -2.11 -0.91 2.27
N LEU A 18 -0.99 -1.18 1.62
CA LEU A 18 -0.07 -2.21 2.07
C LEU A 18 0.84 -1.69 3.19
N CYS A 19 1.38 -0.50 2.98
CA CYS A 19 2.27 0.12 3.96
C CYS A 19 1.53 1.21 4.75
N GLY A 20 0.23 1.32 4.50
CA GLY A 20 -0.56 2.34 5.19
C GLY A 20 0.02 3.72 5.05
N VAL A 21 0.77 3.95 3.97
CA VAL A 21 1.38 5.25 3.73
C VAL A 21 0.66 5.99 2.60
N LYS A 22 -0.03 7.08 2.97
CA LYS A 22 -0.75 7.87 1.99
C LYS A 22 0.13 8.99 1.44
N TYR A 23 0.62 8.79 0.22
CA TYR A 23 1.47 9.78 -0.43
C TYR A 23 0.77 11.13 -0.51
N SER A 24 1.53 12.20 -0.26
CA SER A 24 0.99 13.56 -0.30
C SER A 24 0.89 14.05 -1.74
N ALA A 25 -0.05 14.97 -1.98
CA ALA A 25 -0.25 15.53 -3.31
C ALA A 25 1.07 15.65 -4.05
N ARG A 26 2.15 15.90 -3.31
CA ARG A 26 3.47 16.05 -3.91
C ARG A 26 4.06 14.68 -4.25
N LEU A 27 4.12 13.81 -3.25
CA LEU A 27 4.67 12.48 -3.44
C LEU A 27 3.88 11.70 -4.48
N SER A 28 4.48 10.64 -5.01
CA SER A 28 3.82 9.82 -6.03
C SER A 28 3.95 8.34 -5.68
N ILE A 29 3.23 7.50 -6.42
CA ILE A 29 3.26 6.06 -6.20
C ILE A 29 4.66 5.51 -6.39
N ARG A 30 5.41 6.10 -7.32
CA ARG A 30 6.78 5.67 -7.58
C ARG A 30 7.70 6.04 -6.44
N ASP A 31 7.89 7.34 -6.23
CA ASP A 31 8.75 7.83 -5.15
C ASP A 31 8.61 6.96 -3.90
N HIS A 32 7.44 6.35 -3.75
CA HIS A 32 7.17 5.50 -2.60
C HIS A 32 7.77 4.11 -2.80
N ILE A 33 7.19 3.34 -3.72
CA ILE A 33 7.67 1.99 -4.00
C ILE A 33 9.17 1.99 -4.24
N PHE A 34 9.71 3.14 -4.61
CA PHE A 34 11.15 3.27 -4.87
C PHE A 34 11.90 3.65 -3.60
N SER A 35 11.28 3.42 -2.46
CA SER A 35 11.88 3.74 -1.17
C SER A 35 11.82 2.54 -0.22
N LYS A 36 12.83 2.42 0.64
CA LYS A 36 12.89 1.33 1.59
C LYS A 36 11.56 1.17 2.33
N GLN A 37 11.00 2.30 2.76
CA GLN A 37 9.73 2.28 3.48
C GLN A 37 8.77 1.26 2.88
N HIS A 38 8.68 1.25 1.54
CA HIS A 38 7.80 0.32 0.85
C HIS A 38 8.48 -1.04 0.67
N ILE A 39 9.78 -1.02 0.41
CA ILE A 39 10.54 -2.25 0.22
C ILE A 39 10.34 -3.20 1.40
N SER A 40 10.68 -2.74 2.59
CA SER A 40 10.54 -3.55 3.79
C SER A 40 9.23 -4.32 3.78
N LYS A 41 8.13 -3.59 3.67
CA LYS A 41 6.79 -4.21 3.64
C LYS A 41 6.73 -5.31 2.58
N VAL A 42 7.36 -5.05 1.44
CA VAL A 42 7.37 -6.01 0.34
C VAL A 42 8.16 -7.27 0.72
N ARG A 43 9.26 -7.07 1.44
CA ARG A 43 10.10 -8.18 1.87
C ARG A 43 9.47 -8.92 3.04
N GLU A 44 8.55 -8.26 3.73
CA GLU A 44 7.87 -8.85 4.88
C GLU A 44 6.69 -9.72 4.42
N THR A 45 5.78 -9.11 3.68
CA THR A 45 4.59 -9.81 3.19
C THR A 45 4.97 -11.20 2.67
N VAL A 46 6.15 -11.30 2.05
CA VAL A 46 6.62 -12.57 1.51
C VAL A 46 8.07 -12.82 1.90
N GLY A 47 8.29 -13.90 2.65
CA GLY A 47 9.64 -14.24 3.08
C GLY A 47 9.68 -15.53 3.87
N SER A 48 8.74 -15.69 4.80
CA SER A 48 8.68 -16.90 5.62
C SER A 48 7.61 -17.86 5.11
N GLN A 49 7.63 -19.08 5.63
CA GLN A 49 6.66 -20.09 5.23
C GLN A 49 5.24 -19.53 5.28
N LEU A 50 4.33 -20.19 4.57
CA LEU A 50 2.93 -19.76 4.52
C LEU A 50 2.00 -20.93 4.80
N ASP A 51 2.58 -22.09 5.10
CA ASP A 51 1.79 -23.29 5.38
C ASP A 51 1.26 -23.25 6.81
N ARG A 52 1.85 -22.42 7.65
CA ARG A 52 1.44 -22.30 9.04
C ARG A 52 1.06 -20.85 9.36
N GLU A 53 0.04 -20.70 10.20
CA GLU A 53 -0.42 -19.37 10.60
C GLU A 53 -0.11 -19.09 12.06
N LYS A 54 0.23 -17.85 12.37
CA LYS A 54 0.56 -17.46 13.73
C LYS A 54 -0.64 -17.63 14.65
N ASP A 55 -1.78 -17.08 14.24
CA ASP A 55 -3.01 -17.17 15.02
C ASP A 55 -3.55 -18.60 15.00
N GLY A 1 -34.63 8.93 -18.68
CA GLY A 1 -34.01 10.14 -18.16
C GLY A 1 -33.59 10.00 -16.71
N SER A 2 -33.01 8.85 -16.38
CA SER A 2 -32.56 8.59 -15.01
C SER A 2 -31.06 8.30 -14.98
N SER A 3 -30.26 9.35 -14.88
CA SER A 3 -28.81 9.22 -14.84
C SER A 3 -28.15 10.57 -14.60
N GLY A 4 -27.16 10.58 -13.70
CA GLY A 4 -26.45 11.81 -13.39
C GLY A 4 -25.19 11.98 -14.21
N SER A 5 -24.90 13.22 -14.59
CA SER A 5 -23.71 13.51 -15.39
C SER A 5 -22.50 12.77 -14.84
N SER A 6 -22.35 12.79 -13.52
CA SER A 6 -21.22 12.13 -12.87
C SER A 6 -21.56 10.69 -12.52
N GLY A 7 -20.55 9.83 -12.50
CA GLY A 7 -20.78 8.43 -12.17
C GLY A 7 -19.98 7.49 -13.07
N GLY A 8 -18.72 7.26 -12.72
CA GLY A 8 -17.88 6.39 -13.51
C GLY A 8 -16.51 6.19 -12.89
N THR A 9 -15.52 6.94 -13.39
CA THR A 9 -14.16 6.84 -12.88
C THR A 9 -14.10 7.13 -11.39
N ASP A 10 -14.08 6.08 -10.59
CA ASP A 10 -14.02 6.23 -9.13
C ASP A 10 -12.78 7.02 -8.72
N GLY A 11 -11.63 6.63 -9.26
CA GLY A 11 -10.40 7.31 -8.93
C GLY A 11 -10.04 7.19 -7.46
N THR A 12 -9.07 6.34 -7.16
CA THR A 12 -8.65 6.13 -5.78
C THR A 12 -7.44 6.99 -5.45
N LYS A 13 -7.53 7.72 -4.33
CA LYS A 13 -6.44 8.60 -3.89
C LYS A 13 -5.11 7.84 -3.89
N PRO A 14 -4.02 8.56 -4.15
CA PRO A 14 -2.67 7.98 -4.17
C PRO A 14 -2.19 7.59 -2.78
N GLU A 15 -2.43 6.34 -2.41
CA GLU A 15 -2.01 5.84 -1.10
C GLU A 15 -1.51 4.40 -1.20
N CYS A 16 -0.96 3.89 -0.11
CA CYS A 16 -0.44 2.53 -0.07
C CYS A 16 -1.14 1.70 1.00
N THR A 17 -2.21 1.02 0.61
CA THR A 17 -2.97 0.21 1.55
C THR A 17 -2.12 -0.91 2.12
N LEU A 18 -0.93 -1.09 1.55
CA LEU A 18 0.00 -2.12 2.02
C LEU A 18 0.88 -1.61 3.14
N CYS A 19 1.40 -0.39 2.97
CA CYS A 19 2.26 0.21 3.98
C CYS A 19 1.50 1.27 4.78
N GLY A 20 0.21 1.40 4.49
CA GLY A 20 -0.62 2.37 5.20
C GLY A 20 -0.10 3.79 5.02
N VAL A 21 0.64 4.02 3.95
CA VAL A 21 1.20 5.35 3.68
C VAL A 21 0.43 6.03 2.55
N LYS A 22 -0.22 7.14 2.87
CA LYS A 22 -0.98 7.89 1.88
C LYS A 22 -0.12 8.98 1.24
N TYR A 23 0.31 8.73 0.01
CA TYR A 23 1.14 9.69 -0.71
C TYR A 23 0.47 11.06 -0.78
N SER A 24 1.27 12.12 -0.75
CA SER A 24 0.76 13.48 -0.80
C SER A 24 0.61 13.95 -2.25
N ALA A 25 -0.30 14.87 -2.47
CA ALA A 25 -0.54 15.41 -3.81
C ALA A 25 0.76 15.47 -4.61
N ARG A 26 1.86 15.75 -3.93
CA ARG A 26 3.16 15.84 -4.58
C ARG A 26 3.74 14.45 -4.81
N LEU A 27 3.87 13.68 -3.74
CA LEU A 27 4.41 12.33 -3.83
C LEU A 27 3.63 11.49 -4.84
N SER A 28 4.19 10.34 -5.21
CA SER A 28 3.55 9.46 -6.17
C SER A 28 3.86 7.99 -5.85
N ILE A 29 2.99 7.10 -6.31
CA ILE A 29 3.16 5.67 -6.07
C ILE A 29 4.62 5.26 -6.25
N ARG A 30 5.23 5.71 -7.34
CA ARG A 30 6.61 5.39 -7.64
C ARG A 30 7.53 5.84 -6.51
N ASP A 31 7.74 7.15 -6.42
CA ASP A 31 8.59 7.72 -5.38
C ASP A 31 8.47 6.92 -4.08
N HIS A 32 7.27 6.42 -3.81
CA HIS A 32 7.02 5.64 -2.61
C HIS A 32 7.70 4.27 -2.68
N ILE A 33 7.18 3.41 -3.56
CA ILE A 33 7.74 2.07 -3.73
C ILE A 33 9.25 2.13 -3.91
N PHE A 34 9.75 3.29 -4.31
CA PHE A 34 11.19 3.48 -4.51
C PHE A 34 11.87 3.92 -3.22
N SER A 35 11.29 3.53 -2.09
CA SER A 35 11.84 3.89 -0.79
C SER A 35 11.91 2.68 0.13
N LYS A 36 13.06 2.50 0.78
CA LYS A 36 13.25 1.38 1.69
C LYS A 36 11.99 1.12 2.51
N GLN A 37 11.47 2.17 3.13
CA GLN A 37 10.26 2.05 3.95
C GLN A 37 9.28 1.08 3.33
N HIS A 38 8.99 1.27 2.04
CA HIS A 38 8.06 0.41 1.33
C HIS A 38 8.70 -0.94 1.00
N ILE A 39 9.93 -0.89 0.51
CA ILE A 39 10.66 -2.11 0.16
C ILE A 39 10.48 -3.19 1.23
N SER A 40 10.87 -2.87 2.46
CA SER A 40 10.76 -3.81 3.56
C SER A 40 9.37 -4.44 3.60
N LYS A 41 8.34 -3.59 3.56
CA LYS A 41 6.96 -4.05 3.59
C LYS A 41 6.72 -5.09 2.52
N VAL A 42 7.37 -4.93 1.36
CA VAL A 42 7.22 -5.88 0.26
C VAL A 42 7.96 -7.18 0.56
N ARG A 43 9.09 -7.08 1.26
CA ARG A 43 9.87 -8.25 1.61
C ARG A 43 9.26 -9.00 2.79
N GLU A 44 8.43 -8.30 3.56
CA GLU A 44 7.77 -8.90 4.72
C GLU A 44 6.40 -9.45 4.34
N THR A 45 5.61 -8.63 3.65
CA THR A 45 4.27 -9.03 3.23
C THR A 45 4.26 -10.47 2.75
N VAL A 46 5.37 -10.91 2.16
CA VAL A 46 5.49 -12.27 1.66
C VAL A 46 6.54 -13.06 2.44
N GLY A 47 7.64 -12.40 2.78
CA GLY A 47 8.70 -13.05 3.53
C GLY A 47 8.64 -12.73 5.02
N SER A 48 7.92 -13.56 5.77
CA SER A 48 7.79 -13.35 7.20
C SER A 48 8.36 -14.54 7.98
N GLN A 49 8.82 -14.27 9.20
CA GLN A 49 9.39 -15.31 10.04
C GLN A 49 8.40 -15.78 11.09
N LEU A 50 7.59 -16.78 10.74
CA LEU A 50 6.59 -17.31 11.65
C LEU A 50 6.63 -18.84 11.67
N ASP A 51 5.90 -19.43 12.61
CA ASP A 51 5.85 -20.88 12.73
C ASP A 51 4.70 -21.47 11.92
N ARG A 52 5.01 -21.94 10.72
CA ARG A 52 4.00 -22.52 9.84
C ARG A 52 4.04 -24.04 9.90
N GLU A 53 2.92 -24.63 10.31
CA GLU A 53 2.83 -26.09 10.42
C GLU A 53 3.25 -26.75 9.11
N LYS A 54 4.20 -27.68 9.21
CA LYS A 54 4.69 -28.40 8.03
C LYS A 54 4.08 -29.79 7.95
N ASP A 55 3.14 -29.98 7.04
CA ASP A 55 2.48 -31.26 6.86
C ASP A 55 3.45 -32.30 6.30
N GLY A 1 -39.96 11.08 12.30
CA GLY A 1 -38.80 10.21 12.26
C GLY A 1 -37.69 10.76 11.37
N SER A 2 -36.78 11.51 11.97
CA SER A 2 -35.67 12.11 11.23
C SER A 2 -34.35 11.89 11.96
N SER A 3 -33.26 11.98 11.22
CA SER A 3 -31.93 11.79 11.80
C SER A 3 -30.84 12.26 10.84
N GLY A 4 -29.62 12.38 11.34
CA GLY A 4 -28.51 12.83 10.52
C GLY A 4 -27.21 12.16 10.90
N SER A 5 -27.21 10.84 10.95
CA SER A 5 -26.02 10.07 11.31
C SER A 5 -25.49 9.30 10.09
N SER A 6 -24.47 9.86 9.45
CA SER A 6 -23.87 9.24 8.28
C SER A 6 -22.62 10.00 7.82
N GLY A 7 -21.61 9.26 7.40
CA GLY A 7 -20.38 9.89 6.94
C GLY A 7 -19.57 8.98 6.04
N GLY A 8 -18.41 8.54 6.55
CA GLY A 8 -17.55 7.66 5.78
C GLY A 8 -16.69 8.42 4.79
N THR A 9 -15.43 7.99 4.66
CA THR A 9 -14.50 8.64 3.74
C THR A 9 -13.93 7.64 2.74
N ASP A 10 -14.37 7.76 1.48
CA ASP A 10 -13.89 6.87 0.43
C ASP A 10 -13.54 7.65 -0.83
N GLY A 11 -12.89 6.98 -1.78
CA GLY A 11 -12.50 7.64 -3.01
C GLY A 11 -11.18 7.13 -3.55
N THR A 12 -10.91 7.43 -4.81
CA THR A 12 -9.67 7.00 -5.45
C THR A 12 -8.52 7.95 -5.13
N LYS A 13 -7.92 7.77 -3.95
CA LYS A 13 -6.81 8.61 -3.53
C LYS A 13 -5.49 7.83 -3.57
N PRO A 14 -4.40 8.54 -3.89
CA PRO A 14 -3.06 7.93 -3.97
C PRO A 14 -2.52 7.54 -2.60
N GLU A 15 -2.76 6.29 -2.21
CA GLU A 15 -2.30 5.79 -0.91
C GLU A 15 -1.82 4.35 -1.03
N CYS A 16 -1.02 3.93 -0.06
CA CYS A 16 -0.49 2.56 -0.05
C CYS A 16 -1.20 1.71 1.00
N THR A 17 -2.24 1.00 0.57
CA THR A 17 -3.01 0.14 1.48
C THR A 17 -2.14 -0.96 2.05
N LEU A 18 -0.95 -1.13 1.48
CA LEU A 18 -0.02 -2.16 1.93
C LEU A 18 0.88 -1.64 3.04
N CYS A 19 1.32 -0.39 2.89
CA CYS A 19 2.19 0.24 3.88
C CYS A 19 1.45 1.34 4.64
N GLY A 20 0.13 1.38 4.45
CA GLY A 20 -0.68 2.39 5.13
C GLY A 20 -0.09 3.78 5.01
N VAL A 21 0.61 4.03 3.90
CA VAL A 21 1.23 5.33 3.66
C VAL A 21 0.50 6.09 2.56
N LYS A 22 -0.28 7.08 2.94
CA LYS A 22 -1.03 7.89 1.99
C LYS A 22 -0.13 8.92 1.32
N TYR A 23 0.28 8.65 0.09
CA TYR A 23 1.14 9.55 -0.65
C TYR A 23 0.54 10.95 -0.72
N SER A 24 1.34 11.96 -0.39
CA SER A 24 0.89 13.34 -0.41
C SER A 24 0.53 13.78 -1.82
N ALA A 25 -0.33 14.79 -1.93
CA ALA A 25 -0.75 15.30 -3.22
C ALA A 25 0.43 15.38 -4.19
N ARG A 26 1.63 15.47 -3.65
CA ARG A 26 2.83 15.56 -4.47
C ARG A 26 3.43 14.17 -4.70
N LEU A 27 3.74 13.49 -3.60
CA LEU A 27 4.32 12.15 -3.69
C LEU A 27 3.58 11.29 -4.71
N SER A 28 4.26 10.26 -5.22
CA SER A 28 3.67 9.38 -6.20
C SER A 28 3.95 7.92 -5.86
N ILE A 29 3.07 7.02 -6.30
CA ILE A 29 3.22 5.61 -6.04
C ILE A 29 4.66 5.14 -6.28
N ARG A 30 5.28 5.68 -7.33
CA ARG A 30 6.65 5.33 -7.66
C ARG A 30 7.60 5.74 -6.55
N ASP A 31 7.83 7.05 -6.42
CA ASP A 31 8.72 7.58 -5.39
C ASP A 31 8.60 6.76 -4.10
N HIS A 32 7.39 6.33 -3.79
CA HIS A 32 7.14 5.54 -2.59
C HIS A 32 7.78 4.16 -2.70
N ILE A 33 7.22 3.33 -3.57
CA ILE A 33 7.73 1.97 -3.77
C ILE A 33 9.24 1.99 -3.98
N PHE A 34 9.78 3.15 -4.36
CA PHE A 34 11.20 3.29 -4.59
C PHE A 34 11.91 3.79 -3.33
N SER A 35 11.36 3.44 -2.18
CA SER A 35 11.94 3.86 -0.90
C SER A 35 12.00 2.68 0.08
N LYS A 36 13.17 2.44 0.64
CA LYS A 36 13.36 1.36 1.60
C LYS A 36 12.11 1.16 2.45
N GLN A 37 11.64 2.24 3.06
CA GLN A 37 10.44 2.18 3.90
C GLN A 37 9.41 1.23 3.31
N HIS A 38 9.09 1.41 2.04
CA HIS A 38 8.11 0.57 1.37
C HIS A 38 8.72 -0.78 1.01
N ILE A 39 10.00 -0.77 0.65
CA ILE A 39 10.69 -2.01 0.30
C ILE A 39 10.51 -3.08 1.37
N SER A 40 10.81 -2.72 2.61
CA SER A 40 10.68 -3.64 3.74
C SER A 40 9.35 -4.38 3.68
N LYS A 41 8.26 -3.61 3.69
CA LYS A 41 6.92 -4.19 3.63
C LYS A 41 6.81 -5.20 2.49
N VAL A 42 7.33 -4.83 1.33
CA VAL A 42 7.28 -5.71 0.17
C VAL A 42 8.03 -7.00 0.42
N ARG A 43 9.04 -6.94 1.28
CA ARG A 43 9.83 -8.11 1.61
C ARG A 43 9.14 -8.96 2.68
N GLU A 44 8.31 -8.31 3.49
CA GLU A 44 7.59 -9.00 4.55
C GLU A 44 6.30 -9.63 4.01
N THR A 45 5.45 -8.80 3.42
CA THR A 45 4.18 -9.28 2.86
C THR A 45 4.33 -10.67 2.28
N VAL A 46 5.43 -10.90 1.56
CA VAL A 46 5.69 -12.21 0.95
C VAL A 46 6.67 -13.02 1.79
N GLY A 47 7.72 -12.36 2.27
CA GLY A 47 8.72 -13.03 3.07
C GLY A 47 9.57 -13.99 2.27
N SER A 48 10.86 -14.02 2.57
CA SER A 48 11.79 -14.90 1.87
C SER A 48 12.67 -15.67 2.84
N GLN A 49 12.16 -16.80 3.32
CA GLN A 49 12.90 -17.63 4.26
C GLN A 49 13.81 -18.60 3.54
N LEU A 50 15.12 -18.32 3.56
CA LEU A 50 16.10 -19.18 2.90
C LEU A 50 16.91 -19.97 3.92
N ASP A 51 16.71 -21.28 3.95
CA ASP A 51 17.43 -22.14 4.87
C ASP A 51 18.92 -22.12 4.59
N ARG A 52 19.67 -21.33 5.37
CA ARG A 52 21.10 -21.23 5.20
C ARG A 52 21.83 -21.54 6.50
N GLU A 53 23.01 -22.14 6.39
CA GLU A 53 23.81 -22.49 7.56
C GLU A 53 23.71 -21.40 8.63
N LYS A 54 22.85 -21.62 9.61
CA LYS A 54 22.66 -20.66 10.70
C LYS A 54 23.76 -20.80 11.74
N ASP A 55 24.20 -19.67 12.28
CA ASP A 55 25.25 -19.67 13.30
C ASP A 55 24.73 -20.21 14.62
N GLY A 1 -24.56 1.37 10.11
CA GLY A 1 -23.67 0.97 11.19
C GLY A 1 -23.37 2.12 12.14
N SER A 2 -24.00 2.11 13.31
CA SER A 2 -23.79 3.16 14.29
C SER A 2 -23.97 4.54 13.67
N SER A 3 -24.98 4.67 12.82
CA SER A 3 -25.26 5.93 12.15
C SER A 3 -24.04 6.40 11.36
N GLY A 4 -23.38 5.47 10.67
CA GLY A 4 -22.21 5.81 9.90
C GLY A 4 -21.01 6.13 10.76
N SER A 5 -20.07 5.18 10.84
CA SER A 5 -18.87 5.35 11.64
C SER A 5 -17.62 5.23 10.79
N SER A 6 -17.58 4.20 9.95
CA SER A 6 -16.44 3.95 9.08
C SER A 6 -16.90 3.71 7.64
N GLY A 7 -16.24 4.38 6.70
CA GLY A 7 -16.59 4.23 5.30
C GLY A 7 -15.39 3.89 4.44
N GLY A 8 -15.59 3.92 3.12
CA GLY A 8 -14.50 3.60 2.20
C GLY A 8 -14.50 4.51 0.99
N THR A 9 -14.76 5.79 1.21
CA THR A 9 -14.79 6.77 0.12
C THR A 9 -13.41 7.37 -0.10
N ASP A 10 -12.37 6.55 0.05
CA ASP A 10 -11.00 7.00 -0.15
C ASP A 10 -10.26 6.10 -1.14
N GLY A 11 -10.97 5.66 -2.16
CA GLY A 11 -10.37 4.80 -3.17
C GLY A 11 -9.50 5.55 -4.14
N THR A 12 -10.09 6.51 -4.86
CA THR A 12 -9.35 7.31 -5.82
C THR A 12 -8.43 8.30 -5.13
N LYS A 13 -7.33 7.79 -4.57
CA LYS A 13 -6.36 8.64 -3.88
C LYS A 13 -4.99 7.96 -3.82
N PRO A 14 -3.93 8.77 -3.91
CA PRO A 14 -2.56 8.28 -3.86
C PRO A 14 -2.17 7.74 -2.48
N GLU A 15 -2.36 6.45 -2.28
CA GLU A 15 -2.02 5.83 -0.99
C GLU A 15 -1.48 4.42 -1.20
N CYS A 16 -0.94 3.84 -0.13
CA CYS A 16 -0.37 2.49 -0.20
C CYS A 16 -1.07 1.57 0.79
N THR A 17 -2.28 1.13 0.44
CA THR A 17 -3.05 0.24 1.30
C THR A 17 -2.18 -0.89 1.83
N LEU A 18 -1.07 -1.17 1.14
CA LEU A 18 -0.16 -2.22 1.55
C LEU A 18 0.68 -1.80 2.75
N CYS A 19 1.25 -0.60 2.67
CA CYS A 19 2.08 -0.07 3.74
C CYS A 19 1.31 0.96 4.56
N GLY A 20 0.02 1.12 4.25
CA GLY A 20 -0.80 2.07 4.96
C GLY A 20 -0.18 3.46 4.99
N VAL A 21 0.63 3.76 3.99
CA VAL A 21 1.28 5.06 3.90
C VAL A 21 0.64 5.93 2.83
N LYS A 22 -0.42 6.65 3.20
CA LYS A 22 -1.12 7.52 2.27
C LYS A 22 -0.21 8.64 1.79
N TYR A 23 0.25 8.54 0.54
CA TYR A 23 1.13 9.55 -0.04
C TYR A 23 0.49 10.93 0.03
N SER A 24 1.29 11.96 -0.20
CA SER A 24 0.81 13.34 -0.16
C SER A 24 0.61 13.88 -1.57
N ALA A 25 -0.25 14.88 -1.69
CA ALA A 25 -0.53 15.50 -2.98
C ALA A 25 0.73 15.60 -3.83
N ARG A 26 1.87 15.76 -3.17
CA ARG A 26 3.15 15.87 -3.87
C ARG A 26 3.72 14.49 -4.18
N LEU A 27 4.03 13.72 -3.13
CA LEU A 27 4.57 12.38 -3.30
C LEU A 27 3.88 11.65 -4.44
N SER A 28 4.51 10.59 -4.92
CA SER A 28 3.95 9.79 -6.00
C SER A 28 4.14 8.30 -5.75
N ILE A 29 3.15 7.51 -6.15
CA ILE A 29 3.20 6.06 -5.96
C ILE A 29 4.61 5.53 -6.20
N ARG A 30 5.26 6.05 -7.24
CA ARG A 30 6.61 5.63 -7.59
C ARG A 30 7.59 5.99 -6.48
N ASP A 31 7.86 7.28 -6.33
CA ASP A 31 8.79 7.76 -5.30
C ASP A 31 8.69 6.90 -4.05
N HIS A 32 7.48 6.48 -3.71
CA HIS A 32 7.25 5.64 -2.53
C HIS A 32 7.89 4.27 -2.70
N ILE A 33 7.32 3.47 -3.60
CA ILE A 33 7.84 2.13 -3.85
C ILE A 33 9.34 2.16 -4.12
N PHE A 34 9.83 3.32 -4.55
CA PHE A 34 11.25 3.49 -4.83
C PHE A 34 12.03 3.90 -3.58
N SER A 35 11.50 3.50 -2.42
CA SER A 35 12.15 3.82 -1.16
C SER A 35 12.10 2.63 -0.20
N LYS A 36 13.25 2.30 0.37
CA LYS A 36 13.35 1.17 1.29
C LYS A 36 12.08 1.05 2.13
N GLN A 37 11.51 2.19 2.51
CA GLN A 37 10.29 2.21 3.31
C GLN A 37 9.28 1.21 2.77
N HIS A 38 9.00 1.29 1.47
CA HIS A 38 8.05 0.40 0.83
C HIS A 38 8.61 -1.02 0.74
N ILE A 39 9.79 -1.14 0.15
CA ILE A 39 10.45 -2.44 0.00
C ILE A 39 10.32 -3.27 1.27
N SER A 40 10.63 -2.66 2.41
CA SER A 40 10.56 -3.34 3.69
C SER A 40 9.25 -4.10 3.82
N LYS A 41 8.14 -3.42 3.54
CA LYS A 41 6.82 -4.02 3.62
C LYS A 41 6.68 -5.16 2.61
N VAL A 42 7.29 -4.99 1.44
CA VAL A 42 7.23 -6.00 0.39
C VAL A 42 8.00 -7.25 0.79
N ARG A 43 9.01 -7.07 1.65
CA ARG A 43 9.83 -8.19 2.11
C ARG A 43 9.14 -8.92 3.25
N GLU A 44 8.48 -8.17 4.12
CA GLU A 44 7.79 -8.75 5.27
C GLU A 44 6.46 -9.36 4.84
N THR A 45 5.63 -8.56 4.18
CA THR A 45 4.33 -9.02 3.71
C THR A 45 4.38 -10.49 3.31
N VAL A 46 5.52 -10.92 2.80
CA VAL A 46 5.70 -12.30 2.37
C VAL A 46 6.81 -12.99 3.16
N GLY A 47 6.43 -13.94 4.00
CA GLY A 47 7.40 -14.66 4.81
C GLY A 47 8.47 -15.31 3.96
N SER A 48 9.56 -15.73 4.60
CA SER A 48 10.67 -16.37 3.91
C SER A 48 11.32 -17.43 4.78
N GLN A 49 12.27 -18.17 4.21
CA GLN A 49 12.96 -19.22 4.93
C GLN A 49 13.19 -18.82 6.39
N LEU A 50 12.33 -19.31 7.27
CA LEU A 50 12.43 -19.00 8.70
C LEU A 50 13.67 -19.64 9.30
N ASP A 51 14.24 -18.99 10.31
CA ASP A 51 15.43 -19.50 10.98
C ASP A 51 15.23 -19.53 12.49
N ARG A 52 14.41 -18.63 12.99
CA ARG A 52 14.13 -18.56 14.42
C ARG A 52 12.64 -18.72 14.69
N GLU A 53 11.81 -18.18 13.80
CA GLU A 53 10.36 -18.27 13.96
C GLU A 53 9.90 -19.72 13.93
N LYS A 54 8.69 -19.96 14.44
CA LYS A 54 8.13 -21.30 14.47
C LYS A 54 7.07 -21.47 13.39
N ASP A 55 6.09 -20.58 13.38
CA ASP A 55 5.01 -20.63 12.39
C ASP A 55 4.64 -19.22 11.93
N GLY A 1 -38.59 13.17 2.43
CA GLY A 1 -38.49 11.81 1.95
C GLY A 1 -37.06 11.40 1.67
N SER A 2 -36.89 10.41 0.79
CA SER A 2 -35.55 9.92 0.44
C SER A 2 -34.68 11.06 -0.07
N SER A 3 -33.51 11.20 0.53
CA SER A 3 -32.57 12.25 0.13
C SER A 3 -31.14 11.85 0.46
N GLY A 4 -30.34 11.63 -0.59
CA GLY A 4 -28.96 11.25 -0.41
C GLY A 4 -28.11 11.51 -1.63
N SER A 5 -27.37 12.61 -1.63
CA SER A 5 -26.52 12.98 -2.76
C SER A 5 -25.05 12.74 -2.43
N SER A 6 -24.60 11.50 -2.62
CA SER A 6 -23.22 11.14 -2.34
C SER A 6 -22.57 10.51 -3.56
N GLY A 7 -21.97 11.36 -4.41
CA GLY A 7 -21.32 10.87 -5.61
C GLY A 7 -20.31 11.86 -6.16
N GLY A 8 -19.10 11.84 -5.61
CA GLY A 8 -18.06 12.74 -6.06
C GLY A 8 -16.74 12.53 -5.33
N THR A 9 -16.83 12.25 -4.04
CA THR A 9 -15.64 12.03 -3.22
C THR A 9 -15.14 10.60 -3.36
N ASP A 10 -15.20 10.07 -4.57
CA ASP A 10 -14.75 8.70 -4.84
C ASP A 10 -13.73 8.67 -5.96
N GLY A 11 -12.49 8.33 -5.63
CA GLY A 11 -11.43 8.26 -6.61
C GLY A 11 -10.20 7.55 -6.11
N THR A 12 -9.36 7.11 -7.04
CA THR A 12 -8.13 6.39 -6.69
C THR A 12 -7.08 7.34 -6.12
N LYS A 13 -7.21 7.66 -4.83
CA LYS A 13 -6.29 8.55 -4.16
C LYS A 13 -4.92 7.89 -4.00
N PRO A 14 -3.86 8.72 -3.99
CA PRO A 14 -2.48 8.24 -3.84
C PRO A 14 -2.20 7.70 -2.44
N GLU A 15 -2.39 6.40 -2.27
CA GLU A 15 -2.16 5.76 -0.98
C GLU A 15 -1.59 4.34 -1.17
N CYS A 16 -1.04 3.79 -0.10
CA CYS A 16 -0.46 2.45 -0.13
C CYS A 16 -1.11 1.54 0.91
N THR A 17 -2.36 1.17 0.65
CA THR A 17 -3.10 0.31 1.56
C THR A 17 -2.20 -0.79 2.14
N LEU A 18 -1.18 -1.16 1.37
CA LEU A 18 -0.25 -2.19 1.81
C LEU A 18 0.63 -1.70 2.94
N CYS A 19 1.16 -0.49 2.80
CA CYS A 19 2.02 0.09 3.82
C CYS A 19 1.25 1.14 4.64
N GLY A 20 -0.04 1.25 4.36
CA GLY A 20 -0.87 2.21 5.08
C GLY A 20 -0.32 3.63 5.00
N VAL A 21 0.51 3.88 3.98
CA VAL A 21 1.10 5.20 3.81
C VAL A 21 0.39 5.97 2.70
N LYS A 22 -0.18 7.12 3.06
CA LYS A 22 -0.89 7.96 2.11
C LYS A 22 0.02 9.04 1.55
N TYR A 23 0.50 8.83 0.33
CA TYR A 23 1.39 9.79 -0.32
C TYR A 23 0.78 11.19 -0.30
N SER A 24 1.62 12.20 -0.48
CA SER A 24 1.17 13.58 -0.50
C SER A 24 0.80 14.02 -1.91
N ALA A 25 -0.09 15.01 -2.00
CA ALA A 25 -0.53 15.53 -3.28
C ALA A 25 0.63 15.59 -4.27
N ARG A 26 1.85 15.70 -3.76
CA ARG A 26 3.04 15.77 -4.59
C ARG A 26 3.61 14.38 -4.84
N LEU A 27 4.03 13.72 -3.75
CA LEU A 27 4.59 12.38 -3.84
C LEU A 27 3.84 11.54 -4.86
N SER A 28 4.51 10.53 -5.40
CA SER A 28 3.91 9.64 -6.40
C SER A 28 4.08 8.19 -6.00
N ILE A 29 3.20 7.33 -6.51
CA ILE A 29 3.25 5.90 -6.20
C ILE A 29 4.67 5.36 -6.38
N ARG A 30 5.36 5.85 -7.41
CA ARG A 30 6.72 5.41 -7.69
C ARG A 30 7.67 5.84 -6.58
N ASP A 31 7.83 7.15 -6.43
CA ASP A 31 8.72 7.69 -5.40
C ASP A 31 8.60 6.90 -4.11
N HIS A 32 7.40 6.38 -3.84
CA HIS A 32 7.17 5.60 -2.63
C HIS A 32 7.80 4.22 -2.75
N ILE A 33 7.24 3.37 -3.60
CA ILE A 33 7.75 2.03 -3.81
C ILE A 33 9.26 2.04 -4.02
N PHE A 34 9.80 3.20 -4.38
CA PHE A 34 11.22 3.34 -4.62
C PHE A 34 11.93 3.81 -3.35
N SER A 35 11.40 3.42 -2.20
CA SER A 35 11.98 3.81 -0.91
C SER A 35 11.97 2.63 0.06
N LYS A 36 13.12 2.38 0.68
CA LYS A 36 13.25 1.28 1.63
C LYS A 36 11.96 1.12 2.44
N GLN A 37 11.49 2.21 3.02
CA GLN A 37 10.27 2.17 3.82
C GLN A 37 9.24 1.23 3.21
N HIS A 38 9.05 1.32 1.91
CA HIS A 38 8.10 0.47 1.21
C HIS A 38 8.67 -0.94 1.01
N ILE A 39 9.79 -1.01 0.30
CA ILE A 39 10.44 -2.30 0.04
C ILE A 39 10.36 -3.21 1.26
N SER A 40 10.69 -2.67 2.42
CA SER A 40 10.67 -3.43 3.66
C SER A 40 9.33 -4.18 3.81
N LYS A 41 8.23 -3.45 3.63
CA LYS A 41 6.91 -4.04 3.75
C LYS A 41 6.72 -5.14 2.71
N VAL A 42 7.22 -4.92 1.50
CA VAL A 42 7.10 -5.90 0.42
C VAL A 42 7.84 -7.18 0.78
N ARG A 43 9.09 -7.04 1.21
CA ARG A 43 9.90 -8.20 1.58
C ARG A 43 9.21 -9.02 2.65
N GLU A 44 8.76 -8.36 3.72
CA GLU A 44 8.08 -9.03 4.81
C GLU A 44 6.82 -9.74 4.33
N THR A 45 5.92 -8.98 3.73
CA THR A 45 4.67 -9.53 3.22
C THR A 45 4.91 -10.84 2.48
N VAL A 46 5.84 -10.82 1.52
CA VAL A 46 6.17 -12.01 0.75
C VAL A 46 7.66 -12.31 0.82
N GLY A 47 7.99 -13.53 1.23
CA GLY A 47 9.38 -13.93 1.33
C GLY A 47 9.54 -15.44 1.38
N SER A 48 10.04 -16.02 0.29
CA SER A 48 10.25 -17.46 0.21
C SER A 48 11.45 -17.88 1.05
N GLN A 49 11.17 -18.57 2.15
CA GLN A 49 12.23 -19.04 3.04
C GLN A 49 12.83 -20.35 2.55
N LEU A 50 13.88 -20.25 1.74
CA LEU A 50 14.54 -21.44 1.19
C LEU A 50 15.98 -21.54 1.68
N ASP A 51 16.68 -20.42 1.67
CA ASP A 51 18.07 -20.38 2.13
C ASP A 51 18.29 -21.34 3.30
N ARG A 52 19.14 -22.34 3.08
CA ARG A 52 19.43 -23.33 4.11
C ARG A 52 19.86 -22.66 5.40
N GLU A 53 19.47 -23.24 6.53
CA GLU A 53 19.81 -22.68 7.84
C GLU A 53 21.15 -23.24 8.32
N LYS A 54 22.19 -22.41 8.25
CA LYS A 54 23.52 -22.82 8.69
C LYS A 54 23.75 -22.43 10.15
N ASP A 55 23.82 -21.14 10.40
CA ASP A 55 24.04 -20.63 11.76
C ASP A 55 23.37 -21.54 12.79
N GLY A 1 -44.67 8.83 1.73
CA GLY A 1 -43.56 9.36 2.51
C GLY A 1 -42.44 9.88 1.64
N SER A 2 -41.20 9.66 2.07
CA SER A 2 -40.03 10.13 1.33
C SER A 2 -38.82 9.25 1.62
N SER A 3 -37.92 9.16 0.65
CA SER A 3 -36.71 8.35 0.82
C SER A 3 -35.77 8.54 -0.37
N GLY A 4 -34.55 8.04 -0.23
CA GLY A 4 -33.58 8.17 -1.31
C GLY A 4 -32.54 7.06 -1.28
N SER A 5 -31.44 7.26 -2.00
CA SER A 5 -30.38 6.27 -2.07
C SER A 5 -29.04 6.87 -1.65
N SER A 6 -28.30 6.16 -0.82
CA SER A 6 -26.99 6.63 -0.35
C SER A 6 -25.87 5.87 -1.03
N GLY A 7 -25.08 6.59 -1.84
CA GLY A 7 -23.97 5.97 -2.54
C GLY A 7 -23.17 6.96 -3.36
N GLY A 8 -22.32 6.45 -4.24
CA GLY A 8 -21.50 7.33 -5.06
C GLY A 8 -20.42 6.57 -5.81
N THR A 9 -19.49 7.30 -6.40
CA THR A 9 -18.39 6.69 -7.15
C THR A 9 -17.15 6.53 -6.28
N ASP A 10 -16.39 5.48 -6.52
CA ASP A 10 -15.17 5.22 -5.76
C ASP A 10 -13.99 5.96 -6.36
N GLY A 11 -13.46 6.92 -5.61
CA GLY A 11 -12.33 7.69 -6.09
C GLY A 11 -11.00 6.99 -5.85
N THR A 12 -10.08 7.12 -6.79
CA THR A 12 -8.78 6.49 -6.69
C THR A 12 -7.75 7.46 -6.12
N LYS A 13 -7.57 7.43 -4.80
CA LYS A 13 -6.61 8.29 -4.13
C LYS A 13 -5.24 7.64 -4.06
N PRO A 14 -4.19 8.45 -4.26
CA PRO A 14 -2.80 7.96 -4.22
C PRO A 14 -2.36 7.58 -2.81
N GLU A 15 -2.53 6.31 -2.47
CA GLU A 15 -2.15 5.82 -1.14
C GLU A 15 -1.56 4.41 -1.24
N CYS A 16 -1.08 3.91 -0.12
CA CYS A 16 -0.49 2.57 -0.06
C CYS A 16 -1.15 1.72 1.02
N THR A 17 -2.24 1.06 0.66
CA THR A 17 -2.97 0.21 1.60
C THR A 17 -2.06 -0.87 2.17
N LEU A 18 -0.91 -1.05 1.55
CA LEU A 18 0.05 -2.06 2.01
C LEU A 18 0.91 -1.52 3.15
N CYS A 19 1.44 -0.32 2.97
CA CYS A 19 2.28 0.31 3.97
C CYS A 19 1.50 1.36 4.75
N GLY A 20 0.22 1.47 4.46
CA GLY A 20 -0.63 2.44 5.15
C GLY A 20 -0.12 3.85 4.99
N VAL A 21 0.64 4.10 3.91
CA VAL A 21 1.19 5.42 3.65
C VAL A 21 0.42 6.12 2.53
N LYS A 22 -0.35 7.13 2.91
CA LYS A 22 -1.15 7.90 1.94
C LYS A 22 -0.29 8.97 1.28
N TYR A 23 0.08 8.74 0.03
CA TYR A 23 0.90 9.69 -0.71
C TYR A 23 0.23 11.06 -0.77
N SER A 24 1.04 12.11 -0.73
CA SER A 24 0.52 13.48 -0.78
C SER A 24 0.19 13.89 -2.20
N ALA A 25 -0.73 14.85 -2.34
CA ALA A 25 -1.13 15.33 -3.65
C ALA A 25 0.05 15.37 -4.61
N ARG A 26 1.25 15.59 -4.06
CA ARG A 26 2.46 15.65 -4.87
C ARG A 26 3.09 14.27 -5.01
N LEU A 27 3.54 13.72 -3.89
CA LEU A 27 4.17 12.40 -3.88
C LEU A 27 3.50 11.48 -4.90
N SER A 28 4.27 10.55 -5.45
CA SER A 28 3.76 9.60 -6.43
C SER A 28 4.09 8.17 -6.02
N ILE A 29 3.17 7.25 -6.33
CA ILE A 29 3.35 5.85 -5.99
C ILE A 29 4.80 5.42 -6.22
N ARG A 30 5.35 5.79 -7.37
CA ARG A 30 6.73 5.44 -7.71
C ARG A 30 7.69 5.90 -6.61
N ASP A 31 7.79 7.22 -6.43
CA ASP A 31 8.67 7.78 -5.41
C ASP A 31 8.55 7.01 -4.10
N HIS A 32 7.34 6.53 -3.80
CA HIS A 32 7.10 5.77 -2.58
C HIS A 32 7.70 4.38 -2.68
N ILE A 33 7.11 3.54 -3.51
CA ILE A 33 7.60 2.18 -3.70
C ILE A 33 9.11 2.15 -3.87
N PHE A 34 9.67 3.26 -4.35
CA PHE A 34 11.10 3.36 -4.57
C PHE A 34 11.81 3.81 -3.29
N SER A 35 11.24 3.46 -2.14
CA SER A 35 11.81 3.84 -0.86
C SER A 35 11.84 2.64 0.09
N LYS A 36 13.01 2.40 0.68
CA LYS A 36 13.17 1.28 1.61
C LYS A 36 11.90 1.05 2.42
N GLN A 37 11.41 2.12 3.03
CA GLN A 37 10.19 2.03 3.84
C GLN A 37 9.18 1.08 3.21
N HIS A 38 8.97 1.23 1.91
CA HIS A 38 8.02 0.38 1.19
C HIS A 38 8.61 -1.02 0.97
N ILE A 39 9.75 -1.07 0.29
CA ILE A 39 10.41 -2.33 0.01
C ILE A 39 10.34 -3.28 1.21
N SER A 40 10.81 -2.80 2.36
CA SER A 40 10.79 -3.60 3.58
C SER A 40 9.48 -4.36 3.71
N LYS A 41 8.38 -3.64 3.64
CA LYS A 41 7.06 -4.25 3.74
C LYS A 41 6.87 -5.34 2.69
N VAL A 42 7.30 -5.05 1.47
CA VAL A 42 7.19 -6.01 0.38
C VAL A 42 7.99 -7.28 0.67
N ARG A 43 9.11 -7.10 1.36
CA ARG A 43 9.98 -8.24 1.70
C ARG A 43 9.39 -9.03 2.86
N GLU A 44 8.57 -8.37 3.67
CA GLU A 44 7.94 -9.02 4.82
C GLU A 44 6.73 -9.85 4.39
N THR A 45 5.79 -9.19 3.72
CA THR A 45 4.58 -9.87 3.25
C THR A 45 4.92 -11.17 2.54
N VAL A 46 6.01 -11.17 1.79
CA VAL A 46 6.44 -12.35 1.06
C VAL A 46 7.93 -12.61 1.26
N GLY A 47 8.27 -13.85 1.62
CA GLY A 47 9.66 -14.20 1.84
C GLY A 47 9.87 -14.87 3.19
N SER A 48 8.93 -15.71 3.60
CA SER A 48 9.03 -16.41 4.88
C SER A 48 8.42 -17.80 4.78
N GLN A 49 9.28 -18.82 4.84
CA GLN A 49 8.85 -20.20 4.76
C GLN A 49 8.53 -20.76 6.15
N LEU A 50 7.70 -20.04 6.89
CA LEU A 50 7.31 -20.45 8.23
C LEU A 50 5.84 -20.81 8.29
N ASP A 51 5.00 -19.93 7.75
CA ASP A 51 3.56 -20.16 7.74
C ASP A 51 3.20 -21.30 6.80
N ARG A 52 2.04 -21.92 7.04
CA ARG A 52 1.58 -23.03 6.22
C ARG A 52 0.13 -22.82 5.79
N GLU A 53 -0.05 -22.39 4.56
CA GLU A 53 -1.38 -22.15 4.02
C GLU A 53 -1.83 -23.30 3.11
N LYS A 54 -2.24 -24.39 3.72
CA LYS A 54 -2.69 -25.56 2.97
C LYS A 54 -4.06 -26.03 3.44
N ASP A 55 -5.11 -25.39 2.92
CA ASP A 55 -6.47 -25.74 3.30
C ASP A 55 -7.21 -26.39 2.13
N GLY A 1 -36.80 16.53 -6.94
CA GLY A 1 -35.51 16.61 -6.28
C GLY A 1 -34.43 15.86 -7.04
N SER A 2 -34.44 15.98 -8.36
CA SER A 2 -33.45 15.30 -9.19
C SER A 2 -32.06 15.41 -8.59
N SER A 3 -31.54 14.29 -8.11
CA SER A 3 -30.21 14.26 -7.49
C SER A 3 -29.47 12.98 -7.86
N GLY A 4 -28.25 13.13 -8.36
CA GLY A 4 -27.45 11.97 -8.74
C GLY A 4 -26.01 12.07 -8.26
N SER A 5 -25.32 10.94 -8.27
CA SER A 5 -23.92 10.91 -7.83
C SER A 5 -23.00 11.51 -8.89
N SER A 6 -22.33 12.60 -8.52
CA SER A 6 -21.41 13.28 -9.43
C SER A 6 -19.96 12.92 -9.12
N GLY A 7 -19.27 12.37 -10.11
CA GLY A 7 -17.88 12.00 -9.91
C GLY A 7 -17.00 13.19 -9.61
N GLY A 8 -15.87 12.94 -8.94
CA GLY A 8 -14.96 14.02 -8.60
C GLY A 8 -13.54 13.53 -8.39
N THR A 9 -13.39 12.43 -7.65
CA THR A 9 -12.08 11.87 -7.37
C THR A 9 -11.36 11.50 -8.66
N ASP A 10 -10.05 11.71 -8.68
CA ASP A 10 -9.24 11.41 -9.85
C ASP A 10 -8.85 9.94 -9.88
N GLY A 11 -9.63 9.13 -10.60
CA GLY A 11 -9.36 7.72 -10.69
C GLY A 11 -9.04 7.09 -9.34
N THR A 12 -7.76 6.88 -9.08
CA THR A 12 -7.33 6.30 -7.82
C THR A 12 -6.53 7.30 -6.99
N LYS A 13 -6.71 7.24 -5.67
CA LYS A 13 -6.02 8.14 -4.76
C LYS A 13 -4.61 7.62 -4.47
N PRO A 14 -3.64 8.56 -4.40
CA PRO A 14 -2.23 8.22 -4.13
C PRO A 14 -2.03 7.75 -2.69
N GLU A 15 -2.09 6.44 -2.49
CA GLU A 15 -1.91 5.86 -1.15
C GLU A 15 -1.38 4.43 -1.26
N CYS A 16 -0.97 3.88 -0.12
CA CYS A 16 -0.45 2.52 -0.07
C CYS A 16 -1.19 1.68 0.96
N THR A 17 -2.29 1.06 0.53
CA THR A 17 -3.10 0.23 1.42
C THR A 17 -2.27 -0.91 2.00
N LEU A 18 -1.09 -1.13 1.43
CA LEU A 18 -0.21 -2.19 1.90
C LEU A 18 0.64 -1.72 3.08
N CYS A 19 1.21 -0.52 2.95
CA CYS A 19 2.05 0.05 4.00
C CYS A 19 1.27 1.09 4.80
N GLY A 20 -0.01 1.25 4.46
CA GLY A 20 -0.84 2.23 5.15
C GLY A 20 -0.26 3.63 5.09
N VAL A 21 0.52 3.90 4.05
CA VAL A 21 1.15 5.21 3.87
C VAL A 21 0.48 5.98 2.74
N LYS A 22 -0.39 6.91 3.08
CA LYS A 22 -1.09 7.72 2.09
C LYS A 22 -0.19 8.82 1.55
N TYR A 23 0.35 8.60 0.35
CA TYR A 23 1.23 9.57 -0.27
C TYR A 23 0.59 10.95 -0.31
N SER A 24 1.43 11.99 -0.43
CA SER A 24 0.94 13.35 -0.47
C SER A 24 0.76 13.84 -1.90
N ALA A 25 -0.19 14.74 -2.11
CA ALA A 25 -0.46 15.28 -3.44
C ALA A 25 0.82 15.38 -4.26
N ARG A 26 1.91 15.75 -3.61
CA ARG A 26 3.20 15.88 -4.28
C ARG A 26 3.82 14.51 -4.56
N LEU A 27 3.98 13.71 -3.51
CA LEU A 27 4.56 12.39 -3.64
C LEU A 27 3.81 11.57 -4.70
N SER A 28 4.41 10.46 -5.11
CA SER A 28 3.81 9.60 -6.12
C SER A 28 4.04 8.12 -5.78
N ILE A 29 3.13 7.28 -6.25
CA ILE A 29 3.23 5.84 -6.00
C ILE A 29 4.65 5.34 -6.24
N ARG A 30 5.24 5.78 -7.34
CA ARG A 30 6.59 5.38 -7.69
C ARG A 30 7.58 5.77 -6.60
N ASP A 31 7.71 7.07 -6.37
CA ASP A 31 8.62 7.59 -5.35
C ASP A 31 8.54 6.74 -4.08
N HIS A 32 7.34 6.30 -3.74
CA HIS A 32 7.13 5.48 -2.56
C HIS A 32 7.78 4.11 -2.72
N ILE A 33 7.21 3.29 -3.60
CA ILE A 33 7.74 1.94 -3.84
C ILE A 33 9.26 1.99 -4.04
N PHE A 34 9.77 3.15 -4.42
CA PHE A 34 11.21 3.31 -4.64
C PHE A 34 11.90 3.83 -3.38
N SER A 35 11.38 3.41 -2.22
CA SER A 35 11.94 3.83 -0.95
C SER A 35 12.01 2.66 0.03
N LYS A 36 13.20 2.44 0.58
CA LYS A 36 13.41 1.34 1.53
C LYS A 36 12.17 1.12 2.38
N GLN A 37 11.64 2.19 2.96
CA GLN A 37 10.46 2.11 3.79
C GLN A 37 9.44 1.14 3.20
N HIS A 38 9.04 1.39 1.96
CA HIS A 38 8.07 0.53 1.28
C HIS A 38 8.68 -0.83 0.96
N ILE A 39 9.92 -0.82 0.48
CA ILE A 39 10.62 -2.06 0.14
C ILE A 39 10.44 -3.11 1.22
N SER A 40 10.81 -2.76 2.46
CA SER A 40 10.68 -3.68 3.58
C SER A 40 9.31 -4.33 3.60
N LYS A 41 8.26 -3.51 3.62
CA LYS A 41 6.89 -4.00 3.64
C LYS A 41 6.68 -5.05 2.55
N VAL A 42 7.32 -4.85 1.40
CA VAL A 42 7.19 -5.77 0.29
C VAL A 42 7.95 -7.07 0.57
N ARG A 43 9.02 -6.97 1.33
CA ARG A 43 9.83 -8.13 1.68
C ARG A 43 9.19 -8.92 2.82
N GLU A 44 8.44 -8.22 3.67
CA GLU A 44 7.77 -8.85 4.80
C GLU A 44 6.41 -9.40 4.40
N THR A 45 5.60 -8.55 3.77
CA THR A 45 4.27 -8.94 3.33
C THR A 45 4.26 -10.39 2.85
N VAL A 46 5.38 -10.83 2.27
CA VAL A 46 5.50 -12.19 1.77
C VAL A 46 6.58 -12.97 2.51
N GLY A 47 7.67 -12.27 2.83
CA GLY A 47 8.76 -12.90 3.54
C GLY A 47 8.52 -12.98 5.04
N SER A 48 7.57 -13.83 5.43
CA SER A 48 7.23 -13.99 6.84
C SER A 48 7.55 -15.41 7.31
N GLN A 49 7.16 -16.40 6.52
CA GLN A 49 7.39 -17.79 6.85
C GLN A 49 8.89 -18.06 7.06
N LEU A 50 9.33 -18.04 8.30
CA LEU A 50 10.73 -18.28 8.63
C LEU A 50 11.26 -19.49 7.87
N ASP A 51 12.43 -19.33 7.27
CA ASP A 51 13.06 -20.40 6.51
C ASP A 51 14.23 -21.01 7.28
N ARG A 52 14.35 -22.33 7.23
CA ARG A 52 15.43 -23.02 7.93
C ARG A 52 16.24 -23.88 6.96
N GLU A 53 17.43 -24.29 7.40
CA GLU A 53 18.30 -25.12 6.57
C GLU A 53 18.85 -26.29 7.37
N LYS A 54 19.61 -27.16 6.69
CA LYS A 54 20.20 -28.32 7.34
C LYS A 54 21.15 -27.91 8.45
N ASP A 55 20.93 -28.44 9.64
CA ASP A 55 21.79 -28.13 10.79
C ASP A 55 23.26 -28.27 10.43
N GLY A 1 -20.01 1.96 22.96
CA GLY A 1 -20.12 2.51 21.62
C GLY A 1 -21.56 2.76 21.22
N SER A 2 -22.24 1.70 20.74
CA SER A 2 -23.63 1.82 20.32
C SER A 2 -23.77 2.85 19.20
N SER A 3 -22.84 2.81 18.25
CA SER A 3 -22.86 3.74 17.13
C SER A 3 -22.39 3.05 15.85
N GLY A 4 -22.87 3.53 14.71
CA GLY A 4 -22.49 2.95 13.44
C GLY A 4 -21.37 3.72 12.76
N SER A 5 -20.85 3.17 11.66
CA SER A 5 -19.77 3.80 10.93
C SER A 5 -20.31 4.77 9.88
N SER A 6 -21.32 4.32 9.14
CA SER A 6 -21.93 5.14 8.10
C SER A 6 -20.87 5.85 7.27
N GLY A 7 -19.80 5.12 6.93
CA GLY A 7 -18.73 5.70 6.15
C GLY A 7 -18.69 5.16 4.73
N GLY A 8 -17.56 5.33 4.06
CA GLY A 8 -17.43 4.85 2.70
C GLY A 8 -16.94 5.93 1.75
N THR A 9 -15.74 5.75 1.21
CA THR A 9 -15.17 6.72 0.28
C THR A 9 -15.25 6.23 -1.16
N ASP A 10 -16.15 6.82 -1.92
CA ASP A 10 -16.34 6.45 -3.33
C ASP A 10 -15.32 7.17 -4.21
N GLY A 11 -14.06 7.18 -3.78
CA GLY A 11 -13.02 7.83 -4.55
C GLY A 11 -11.68 7.14 -4.41
N THR A 12 -10.75 7.49 -5.30
CA THR A 12 -9.42 6.90 -5.27
C THR A 12 -8.35 7.95 -4.97
N LYS A 13 -7.44 7.60 -4.08
CA LYS A 13 -6.36 8.52 -3.70
C LYS A 13 -5.01 7.80 -3.70
N PRO A 14 -3.93 8.57 -3.90
CA PRO A 14 -2.57 8.02 -3.92
C PRO A 14 -2.10 7.56 -2.55
N GLU A 15 -2.32 6.28 -2.25
CA GLU A 15 -1.92 5.71 -0.97
C GLU A 15 -1.40 4.30 -1.14
N CYS A 16 -0.96 3.69 -0.04
CA CYS A 16 -0.44 2.33 -0.07
C CYS A 16 -1.10 1.47 1.01
N THR A 17 -2.27 0.93 0.68
CA THR A 17 -3.01 0.08 1.62
C THR A 17 -2.13 -1.04 2.16
N LEU A 18 -1.00 -1.28 1.50
CA LEU A 18 -0.07 -2.32 1.92
C LEU A 18 0.85 -1.80 3.02
N CYS A 19 1.39 -0.60 2.83
CA CYS A 19 2.29 -0.01 3.81
C CYS A 19 1.56 1.05 4.65
N GLY A 20 0.25 1.17 4.41
CA GLY A 20 -0.54 2.14 5.15
C GLY A 20 0.03 3.54 5.04
N VAL A 21 0.74 3.82 3.96
CA VAL A 21 1.33 5.13 3.75
C VAL A 21 0.60 5.89 2.65
N LYS A 22 -0.17 6.90 3.05
CA LYS A 22 -0.92 7.71 2.10
C LYS A 22 -0.05 8.82 1.51
N TYR A 23 0.32 8.67 0.24
CA TYR A 23 1.16 9.65 -0.43
C TYR A 23 0.48 11.02 -0.45
N SER A 24 1.29 12.07 -0.58
CA SER A 24 0.78 13.43 -0.61
C SER A 24 0.56 13.90 -2.05
N ALA A 25 -0.33 14.87 -2.22
CA ALA A 25 -0.63 15.41 -3.55
C ALA A 25 0.61 15.42 -4.42
N ARG A 26 1.75 15.73 -3.82
CA ARG A 26 3.01 15.78 -4.55
C ARG A 26 3.57 14.38 -4.78
N LEU A 27 3.90 13.70 -3.69
CA LEU A 27 4.44 12.34 -3.77
C LEU A 27 3.70 11.53 -4.83
N SER A 28 4.34 10.46 -5.29
CA SER A 28 3.74 9.59 -6.30
C SER A 28 4.02 8.12 -5.98
N ILE A 29 3.15 7.25 -6.48
CA ILE A 29 3.31 5.81 -6.27
C ILE A 29 4.76 5.38 -6.44
N ARG A 30 5.41 5.90 -7.49
CA ARG A 30 6.79 5.56 -7.77
C ARG A 30 7.70 5.99 -6.63
N ASP A 31 7.78 7.28 -6.39
CA ASP A 31 8.61 7.82 -5.32
C ASP A 31 8.51 6.95 -4.06
N HIS A 32 7.29 6.52 -3.76
CA HIS A 32 7.05 5.68 -2.59
C HIS A 32 7.75 4.34 -2.73
N ILE A 33 7.25 3.51 -3.64
CA ILE A 33 7.83 2.19 -3.87
C ILE A 33 9.34 2.27 -4.02
N PHE A 34 9.82 3.42 -4.46
CA PHE A 34 11.25 3.64 -4.65
C PHE A 34 11.92 4.09 -3.34
N SER A 35 11.36 3.64 -2.23
CA SER A 35 11.90 3.99 -0.92
C SER A 35 11.92 2.78 0.01
N LYS A 36 13.09 2.51 0.59
CA LYS A 36 13.24 1.37 1.50
C LYS A 36 11.98 1.14 2.31
N GLN A 37 11.47 2.20 2.93
CA GLN A 37 10.25 2.11 3.73
C GLN A 37 9.25 1.15 3.09
N HIS A 38 8.99 1.35 1.81
CA HIS A 38 8.04 0.50 1.09
C HIS A 38 8.60 -0.92 0.92
N ILE A 39 9.80 -1.01 0.38
CA ILE A 39 10.45 -2.31 0.18
C ILE A 39 10.27 -3.21 1.39
N SER A 40 10.69 -2.72 2.55
CA SER A 40 10.57 -3.48 3.79
C SER A 40 9.22 -4.19 3.87
N LYS A 41 8.16 -3.47 3.49
CA LYS A 41 6.81 -4.02 3.51
C LYS A 41 6.65 -5.09 2.44
N VAL A 42 7.30 -4.89 1.30
CA VAL A 42 7.22 -5.83 0.19
C VAL A 42 7.90 -7.15 0.55
N ARG A 43 8.94 -7.07 1.39
CA ARG A 43 9.67 -8.26 1.81
C ARG A 43 8.94 -8.99 2.92
N GLU A 44 8.44 -8.23 3.89
CA GLU A 44 7.73 -8.80 5.02
C GLU A 44 6.36 -9.33 4.58
N THR A 45 5.58 -8.48 3.93
CA THR A 45 4.26 -8.87 3.45
C THR A 45 4.23 -10.32 3.01
N VAL A 46 5.32 -10.77 2.40
CA VAL A 46 5.42 -12.15 1.92
C VAL A 46 6.56 -12.89 2.63
N GLY A 47 6.20 -13.89 3.43
CA GLY A 47 7.20 -14.66 4.14
C GLY A 47 8.43 -14.95 3.30
N SER A 48 9.57 -15.12 3.96
CA SER A 48 10.82 -15.40 3.26
C SER A 48 11.53 -16.59 3.89
N GLN A 49 12.68 -16.93 3.32
CA GLN A 49 13.47 -18.06 3.81
C GLN A 49 13.35 -18.17 5.33
N LEU A 50 12.50 -19.10 5.79
CA LEU A 50 12.29 -19.31 7.22
C LEU A 50 13.22 -20.40 7.74
N ASP A 51 13.19 -20.61 9.05
CA ASP A 51 14.02 -21.62 9.69
C ASP A 51 13.17 -22.83 10.13
N ARG A 52 13.85 -23.86 10.62
CA ARG A 52 13.15 -25.06 11.07
C ARG A 52 11.92 -24.72 11.90
N GLU A 53 12.05 -23.68 12.72
CA GLU A 53 10.94 -23.24 13.56
C GLU A 53 9.61 -23.38 12.83
N LYS A 54 8.56 -23.70 13.58
CA LYS A 54 7.23 -23.86 13.01
C LYS A 54 6.17 -23.25 13.90
N ASP A 55 5.16 -22.64 13.30
CA ASP A 55 4.08 -22.00 14.05
C ASP A 55 2.78 -22.79 13.88
N GLY A 1 -32.13 22.13 17.01
CA GLY A 1 -32.05 20.99 16.11
C GLY A 1 -31.08 21.23 14.96
N SER A 2 -29.83 20.78 15.14
CA SER A 2 -28.82 20.95 14.11
C SER A 2 -28.72 19.70 13.23
N SER A 3 -29.45 19.71 12.11
CA SER A 3 -29.45 18.59 11.19
C SER A 3 -28.43 18.81 10.07
N GLY A 4 -27.68 17.77 9.74
CA GLY A 4 -26.69 17.87 8.69
C GLY A 4 -25.88 16.61 8.53
N SER A 5 -25.49 16.29 7.29
CA SER A 5 -24.72 15.10 7.00
C SER A 5 -23.61 15.38 5.99
N SER A 6 -22.79 14.38 5.71
CA SER A 6 -21.69 14.53 4.77
C SER A 6 -21.00 13.20 4.52
N GLY A 7 -20.64 12.94 3.27
CA GLY A 7 -19.97 11.70 2.92
C GLY A 7 -20.30 11.23 1.52
N GLY A 8 -19.76 10.08 1.14
CA GLY A 8 -20.01 9.55 -0.18
C GLY A 8 -19.03 10.07 -1.21
N THR A 9 -17.75 10.14 -0.84
CA THR A 9 -16.71 10.64 -1.73
C THR A 9 -16.29 9.55 -2.71
N ASP A 10 -16.61 9.75 -3.98
CA ASP A 10 -16.25 8.80 -5.02
C ASP A 10 -14.81 9.01 -5.49
N GLY A 11 -14.31 8.07 -6.30
CA GLY A 11 -12.96 8.18 -6.80
C GLY A 11 -11.94 7.56 -5.85
N THR A 12 -10.66 7.66 -6.20
CA THR A 12 -9.60 7.09 -5.39
C THR A 12 -8.50 8.11 -5.14
N LYS A 13 -7.63 7.82 -4.18
CA LYS A 13 -6.53 8.72 -3.85
C LYS A 13 -5.20 7.95 -3.85
N PRO A 14 -4.10 8.69 -4.11
CA PRO A 14 -2.76 8.10 -4.14
C PRO A 14 -2.27 7.70 -2.76
N GLU A 15 -2.51 6.45 -2.39
CA GLU A 15 -2.09 5.93 -1.09
C GLU A 15 -1.54 4.51 -1.21
N CYS A 16 -1.04 3.98 -0.10
CA CYS A 16 -0.50 2.63 -0.09
C CYS A 16 -1.16 1.79 1.01
N THR A 17 -2.32 1.23 0.69
CA THR A 17 -3.05 0.41 1.64
C THR A 17 -2.16 -0.70 2.20
N LEU A 18 -1.06 -0.99 1.52
CA LEU A 18 -0.13 -2.02 1.96
C LEU A 18 0.75 -1.51 3.10
N CYS A 19 1.28 -0.31 2.93
CA CYS A 19 2.14 0.29 3.94
C CYS A 19 1.37 1.31 4.77
N GLY A 20 0.09 1.46 4.48
CA GLY A 20 -0.74 2.40 5.21
C GLY A 20 -0.25 3.83 5.07
N VAL A 21 0.48 4.09 4.00
CA VAL A 21 1.01 5.43 3.75
C VAL A 21 0.26 6.11 2.61
N LYS A 22 -0.28 7.29 2.88
CA LYS A 22 -1.02 8.05 1.88
C LYS A 22 -0.12 9.08 1.20
N TYR A 23 0.26 8.81 -0.05
CA TYR A 23 1.11 9.72 -0.80
C TYR A 23 0.52 11.12 -0.83
N SER A 24 1.40 12.13 -0.73
CA SER A 24 0.96 13.52 -0.74
C SER A 24 0.62 13.97 -2.17
N ALA A 25 -0.29 14.94 -2.27
CA ALA A 25 -0.69 15.46 -3.57
C ALA A 25 0.47 15.47 -4.55
N ARG A 26 1.68 15.66 -4.02
CA ARG A 26 2.88 15.68 -4.85
C ARG A 26 3.45 14.28 -5.06
N LEU A 27 3.84 13.65 -3.95
CA LEU A 27 4.40 12.30 -4.01
C LEU A 27 3.62 11.43 -4.98
N SER A 28 4.21 10.31 -5.38
CA SER A 28 3.58 9.39 -6.30
C SER A 28 3.85 7.94 -5.91
N ILE A 29 3.06 7.02 -6.46
CA ILE A 29 3.22 5.61 -6.15
C ILE A 29 4.67 5.17 -6.32
N ARG A 30 5.30 5.65 -7.39
CA ARG A 30 6.69 5.30 -7.66
C ARG A 30 7.61 5.76 -6.54
N ASP A 31 7.80 7.08 -6.44
CA ASP A 31 8.65 7.65 -5.41
C ASP A 31 8.50 6.89 -4.10
N HIS A 32 7.29 6.40 -3.83
CA HIS A 32 7.02 5.65 -2.61
C HIS A 32 7.69 4.28 -2.67
N ILE A 33 7.19 3.41 -3.53
CA ILE A 33 7.73 2.06 -3.67
C ILE A 33 9.25 2.11 -3.82
N PHE A 34 9.77 3.27 -4.20
CA PHE A 34 11.21 3.44 -4.39
C PHE A 34 11.87 3.89 -3.08
N SER A 35 11.27 3.51 -1.96
CA SER A 35 11.80 3.89 -0.65
C SER A 35 11.85 2.68 0.27
N LYS A 36 13.01 2.46 0.89
CA LYS A 36 13.19 1.35 1.80
C LYS A 36 11.92 1.09 2.60
N GLN A 37 11.36 2.14 3.18
CA GLN A 37 10.14 2.03 3.96
C GLN A 37 9.17 1.04 3.32
N HIS A 38 8.87 1.26 2.05
CA HIS A 38 7.96 0.38 1.31
C HIS A 38 8.64 -0.94 0.95
N ILE A 39 9.90 -0.85 0.52
CA ILE A 39 10.66 -2.04 0.15
C ILE A 39 10.51 -3.14 1.19
N SER A 40 10.89 -2.83 2.42
CA SER A 40 10.81 -3.80 3.51
C SER A 40 9.44 -4.47 3.55
N LYS A 41 8.40 -3.64 3.58
CA LYS A 41 7.03 -4.15 3.62
C LYS A 41 6.80 -5.18 2.52
N VAL A 42 7.44 -4.96 1.36
CA VAL A 42 7.31 -5.87 0.24
C VAL A 42 8.00 -7.21 0.53
N ARG A 43 9.16 -7.14 1.17
CA ARG A 43 9.91 -8.34 1.51
C ARG A 43 9.22 -9.12 2.62
N GLU A 44 8.78 -8.41 3.64
CA GLU A 44 8.10 -9.04 4.77
C GLU A 44 6.93 -9.90 4.31
N THR A 45 6.07 -9.32 3.48
CA THR A 45 4.92 -10.05 2.95
C THR A 45 5.35 -11.24 2.11
N VAL A 46 6.34 -11.02 1.25
CA VAL A 46 6.84 -12.09 0.38
C VAL A 46 8.35 -11.96 0.19
N GLY A 47 9.05 -13.08 0.31
CA GLY A 47 10.49 -13.07 0.14
C GLY A 47 10.98 -14.18 -0.78
N SER A 48 11.97 -14.93 -0.33
CA SER A 48 12.52 -16.02 -1.12
C SER A 48 11.52 -17.16 -1.25
N GLN A 49 11.81 -18.10 -2.16
CA GLN A 49 10.93 -19.24 -2.38
C GLN A 49 11.59 -20.54 -1.94
N LEU A 50 11.49 -20.84 -0.65
CA LEU A 50 12.07 -22.06 -0.10
C LEU A 50 11.42 -23.30 -0.70
N ASP A 51 12.18 -24.40 -0.75
CA ASP A 51 11.67 -25.65 -1.30
C ASP A 51 10.90 -26.43 -0.24
N ARG A 52 10.01 -25.73 0.48
CA ARG A 52 9.21 -26.35 1.52
C ARG A 52 7.97 -27.02 0.93
N GLU A 53 7.67 -28.22 1.42
CA GLU A 53 6.51 -28.97 0.94
C GLU A 53 5.40 -28.99 1.99
N LYS A 54 4.64 -27.91 2.06
CA LYS A 54 3.54 -27.81 3.02
C LYS A 54 2.24 -28.33 2.42
N ASP A 55 1.40 -28.91 3.28
CA ASP A 55 0.12 -29.45 2.84
C ASP A 55 -0.96 -29.25 3.92
N GLY A 1 -30.92 15.48 14.21
CA GLY A 1 -30.67 16.89 14.38
C GLY A 1 -29.22 17.27 14.17
N SER A 2 -28.71 17.04 12.96
CA SER A 2 -27.33 17.35 12.65
C SER A 2 -27.10 17.33 11.13
N SER A 3 -26.24 18.22 10.67
CA SER A 3 -25.94 18.33 9.24
C SER A 3 -25.46 17.00 8.69
N GLY A 4 -24.41 16.45 9.30
CA GLY A 4 -23.87 15.18 8.86
C GLY A 4 -22.36 15.09 9.03
N SER A 5 -21.73 14.29 8.19
CA SER A 5 -20.28 14.12 8.26
C SER A 5 -19.73 13.64 6.92
N SER A 6 -18.80 14.41 6.35
CA SER A 6 -18.20 14.05 5.07
C SER A 6 -16.67 14.05 5.17
N GLY A 7 -16.03 13.17 4.41
CA GLY A 7 -14.59 13.09 4.42
C GLY A 7 -13.97 13.52 3.11
N GLY A 8 -13.82 12.57 2.19
CA GLY A 8 -13.24 12.89 0.89
C GLY A 8 -13.29 11.70 -0.05
N THR A 9 -14.45 11.47 -0.65
CA THR A 9 -14.62 10.37 -1.59
C THR A 9 -14.60 10.86 -3.03
N ASP A 10 -13.48 10.66 -3.71
CA ASP A 10 -13.32 11.08 -5.10
C ASP A 10 -12.71 9.97 -5.94
N GLY A 11 -13.16 8.74 -5.70
CA GLY A 11 -12.64 7.61 -6.45
C GLY A 11 -11.57 6.85 -5.69
N THR A 12 -10.31 7.19 -5.96
CA THR A 12 -9.19 6.54 -5.29
C THR A 12 -8.03 7.51 -5.08
N LYS A 13 -7.61 7.67 -3.83
CA LYS A 13 -6.52 8.57 -3.49
C LYS A 13 -5.18 7.83 -3.54
N PRO A 14 -4.10 8.58 -3.78
CA PRO A 14 -2.75 8.02 -3.85
C PRO A 14 -2.24 7.55 -2.48
N GLU A 15 -2.45 6.28 -2.18
CA GLU A 15 -2.03 5.72 -0.90
C GLU A 15 -1.46 4.31 -1.09
N CYS A 16 -0.89 3.76 -0.03
CA CYS A 16 -0.32 2.42 -0.08
C CYS A 16 -0.98 1.51 0.96
N THR A 17 -2.19 1.04 0.65
CA THR A 17 -2.92 0.17 1.56
C THR A 17 -2.01 -0.93 2.11
N LEU A 18 -0.94 -1.24 1.39
CA LEU A 18 0.00 -2.26 1.81
C LEU A 18 0.89 -1.75 2.94
N CYS A 19 1.41 -0.54 2.77
CA CYS A 19 2.27 0.07 3.77
C CYS A 19 1.51 1.10 4.61
N GLY A 20 0.20 1.17 4.38
CA GLY A 20 -0.61 2.11 5.13
C GLY A 20 -0.04 3.52 5.10
N VAL A 21 0.69 3.84 4.05
CA VAL A 21 1.30 5.16 3.90
C VAL A 21 0.63 5.95 2.79
N LYS A 22 -0.32 6.80 3.16
CA LYS A 22 -1.03 7.63 2.20
C LYS A 22 -0.12 8.71 1.63
N TYR A 23 0.26 8.56 0.37
CA TYR A 23 1.14 9.52 -0.29
C TYR A 23 0.52 10.91 -0.26
N SER A 24 1.36 11.93 -0.13
CA SER A 24 0.91 13.31 -0.09
C SER A 24 0.62 13.84 -1.49
N ALA A 25 -0.26 14.82 -1.58
CA ALA A 25 -0.61 15.41 -2.87
C ALA A 25 0.61 15.57 -3.77
N ARG A 26 1.78 15.66 -3.14
CA ARG A 26 3.02 15.81 -3.88
C ARG A 26 3.65 14.44 -4.18
N LEU A 27 3.80 13.63 -3.15
CA LEU A 27 4.38 12.29 -3.30
C LEU A 27 3.65 11.51 -4.38
N SER A 28 4.33 10.51 -4.94
CA SER A 28 3.75 9.68 -5.99
C SER A 28 3.95 8.20 -5.69
N ILE A 29 3.24 7.35 -6.41
CA ILE A 29 3.35 5.91 -6.22
C ILE A 29 4.77 5.43 -6.48
N ARG A 30 5.48 6.12 -7.37
CA ARG A 30 6.85 5.75 -7.70
C ARG A 30 7.80 6.12 -6.57
N ASP A 31 7.93 7.42 -6.33
CA ASP A 31 8.81 7.92 -5.27
C ASP A 31 8.71 7.04 -4.02
N HIS A 32 7.51 6.53 -3.76
CA HIS A 32 7.28 5.68 -2.60
C HIS A 32 7.88 4.30 -2.81
N ILE A 33 7.29 3.53 -3.71
CA ILE A 33 7.77 2.18 -4.00
C ILE A 33 9.26 2.19 -4.28
N PHE A 34 9.79 3.34 -4.69
CA PHE A 34 11.21 3.48 -4.99
C PHE A 34 11.99 3.83 -3.73
N SER A 35 11.47 3.44 -2.57
CA SER A 35 12.12 3.72 -1.30
C SER A 35 12.03 2.50 -0.38
N LYS A 36 13.00 2.39 0.53
CA LYS A 36 13.03 1.29 1.48
C LYS A 36 11.70 1.14 2.21
N GLN A 37 11.17 2.26 2.69
CA GLN A 37 9.89 2.27 3.40
C GLN A 37 8.92 1.25 2.78
N HIS A 38 8.83 1.27 1.45
CA HIS A 38 7.94 0.37 0.74
C HIS A 38 8.54 -1.04 0.68
N ILE A 39 9.75 -1.15 0.13
CA ILE A 39 10.42 -2.44 0.02
C ILE A 39 10.24 -3.27 1.28
N SER A 40 10.65 -2.72 2.41
CA SER A 40 10.53 -3.41 3.68
C SER A 40 9.23 -4.18 3.77
N LYS A 41 8.11 -3.47 3.60
CA LYS A 41 6.80 -4.09 3.66
C LYS A 41 6.68 -5.22 2.64
N VAL A 42 7.32 -5.03 1.48
CA VAL A 42 7.28 -6.03 0.42
C VAL A 42 8.07 -7.28 0.82
N ARG A 43 9.10 -7.09 1.64
CA ARG A 43 9.92 -8.19 2.10
C ARG A 43 9.23 -8.96 3.22
N GLU A 44 8.44 -8.25 4.01
CA GLU A 44 7.73 -8.85 5.13
C GLU A 44 6.44 -9.54 4.65
N THR A 45 5.70 -8.84 3.79
CA THR A 45 4.45 -9.37 3.25
C THR A 45 4.62 -10.82 2.82
N VAL A 46 5.82 -11.16 2.36
CA VAL A 46 6.11 -12.52 1.91
C VAL A 46 7.22 -13.15 2.74
N GLY A 47 8.26 -12.37 3.02
CA GLY A 47 9.37 -12.86 3.80
C GLY A 47 9.79 -14.26 3.38
N SER A 48 10.76 -14.34 2.48
CA SER A 48 11.25 -15.63 2.00
C SER A 48 11.82 -16.46 3.14
N GLN A 49 11.16 -17.58 3.45
CA GLN A 49 11.60 -18.46 4.53
C GLN A 49 13.11 -18.68 4.46
N LEU A 50 13.80 -18.39 5.56
CA LEU A 50 15.25 -18.56 5.63
C LEU A 50 15.60 -19.96 6.11
N ASP A 51 16.87 -20.34 5.93
CA ASP A 51 17.34 -21.66 6.35
C ASP A 51 17.51 -21.71 7.86
N ARG A 52 17.28 -22.89 8.44
CA ARG A 52 17.41 -23.07 9.88
C ARG A 52 18.70 -22.44 10.39
N GLU A 53 18.59 -21.66 11.46
CA GLU A 53 19.74 -20.99 12.04
C GLU A 53 19.90 -21.36 13.52
N LYS A 54 18.88 -21.04 14.32
CA LYS A 54 18.90 -21.34 15.74
C LYS A 54 17.57 -21.92 16.20
N ASP A 55 17.63 -22.98 16.99
CA ASP A 55 16.42 -23.62 17.49
C ASP A 55 16.53 -23.87 19.00
N GLY A 1 -34.04 0.59 14.10
CA GLY A 1 -32.83 0.37 14.86
C GLY A 1 -31.74 1.38 14.55
N SER A 2 -30.50 1.01 14.79
CA SER A 2 -29.37 1.90 14.53
C SER A 2 -28.37 1.25 13.57
N SER A 3 -28.64 1.39 12.27
CA SER A 3 -27.77 0.81 11.25
C SER A 3 -27.44 1.84 10.17
N GLY A 4 -26.17 2.21 10.09
CA GLY A 4 -25.75 3.18 9.10
C GLY A 4 -24.27 3.51 9.20
N SER A 5 -23.44 2.69 8.57
CA SER A 5 -21.99 2.89 8.59
C SER A 5 -21.47 3.23 7.19
N SER A 6 -20.38 3.99 7.15
CA SER A 6 -19.78 4.39 5.88
C SER A 6 -19.26 3.17 5.12
N GLY A 7 -18.91 3.38 3.86
CA GLY A 7 -18.40 2.29 3.04
C GLY A 7 -18.43 2.61 1.57
N GLY A 8 -17.96 3.80 1.20
CA GLY A 8 -17.95 4.21 -0.19
C GLY A 8 -17.63 5.68 -0.37
N THR A 9 -16.64 6.15 0.38
CA THR A 9 -16.23 7.55 0.31
C THR A 9 -14.87 7.69 -0.36
N ASP A 10 -14.15 6.58 -0.48
CA ASP A 10 -12.84 6.58 -1.11
C ASP A 10 -12.88 5.90 -2.47
N GLY A 11 -12.20 6.48 -3.45
CA GLY A 11 -12.18 5.91 -4.78
C GLY A 11 -10.77 5.68 -5.29
N THR A 12 -10.21 6.67 -5.98
CA THR A 12 -8.87 6.56 -6.52
C THR A 12 -7.97 7.66 -5.96
N LYS A 13 -7.18 7.31 -4.94
CA LYS A 13 -6.27 8.26 -4.31
C LYS A 13 -4.89 7.65 -4.14
N PRO A 14 -3.85 8.51 -4.14
CA PRO A 14 -2.47 8.08 -3.97
C PRO A 14 -2.17 7.58 -2.57
N GLU A 15 -2.31 6.28 -2.36
CA GLU A 15 -2.06 5.67 -1.06
C GLU A 15 -1.53 4.25 -1.20
N CYS A 16 -0.94 3.74 -0.13
CA CYS A 16 -0.39 2.39 -0.14
C CYS A 16 -1.08 1.50 0.90
N THR A 17 -2.23 0.96 0.53
CA THR A 17 -2.99 0.10 1.42
C THR A 17 -2.13 -1.04 1.96
N LEU A 18 -0.98 -1.27 1.33
CA LEU A 18 -0.06 -2.31 1.75
C LEU A 18 0.81 -1.85 2.90
N CYS A 19 1.37 -0.65 2.77
CA CYS A 19 2.22 -0.08 3.81
C CYS A 19 1.47 0.96 4.62
N GLY A 20 0.18 1.11 4.34
CA GLY A 20 -0.63 2.09 5.05
C GLY A 20 -0.05 3.49 4.98
N VAL A 21 0.72 3.75 3.93
CA VAL A 21 1.33 5.06 3.75
C VAL A 21 0.64 5.85 2.65
N LYS A 22 -0.12 6.87 3.04
CA LYS A 22 -0.85 7.70 2.09
C LYS A 22 0.05 8.81 1.54
N TYR A 23 0.38 8.72 0.26
CA TYR A 23 1.23 9.72 -0.39
C TYR A 23 0.56 11.07 -0.42
N SER A 24 1.36 12.12 -0.57
CA SER A 24 0.84 13.49 -0.61
C SER A 24 0.59 13.93 -2.05
N ALA A 25 -0.35 14.86 -2.22
CA ALA A 25 -0.70 15.36 -3.55
C ALA A 25 0.53 15.42 -4.45
N ARG A 26 1.66 15.83 -3.87
CA ARG A 26 2.90 15.93 -4.63
C ARG A 26 3.52 14.55 -4.85
N LEU A 27 3.77 13.84 -3.76
CA LEU A 27 4.35 12.51 -3.84
C LEU A 27 3.68 11.68 -4.92
N SER A 28 4.29 10.55 -5.26
CA SER A 28 3.75 9.66 -6.29
C SER A 28 4.03 8.21 -5.95
N ILE A 29 3.11 7.33 -6.33
CA ILE A 29 3.26 5.90 -6.08
C ILE A 29 4.70 5.45 -6.28
N ARG A 30 5.35 6.00 -7.30
CA ARG A 30 6.73 5.66 -7.60
C ARG A 30 7.65 6.07 -6.46
N ASP A 31 7.79 7.37 -6.25
CA ASP A 31 8.64 7.89 -5.18
C ASP A 31 8.56 7.02 -3.94
N HIS A 32 7.35 6.55 -3.64
CA HIS A 32 7.13 5.70 -2.47
C HIS A 32 7.83 4.35 -2.65
N ILE A 33 7.30 3.53 -3.55
CA ILE A 33 7.86 2.22 -3.82
C ILE A 33 9.36 2.31 -4.06
N PHE A 34 9.83 3.47 -4.49
CA PHE A 34 11.25 3.69 -4.75
C PHE A 34 11.98 4.07 -3.48
N SER A 35 11.43 3.65 -2.33
CA SER A 35 12.04 3.95 -1.05
C SER A 35 12.02 2.73 -0.14
N LYS A 36 13.17 2.38 0.41
CA LYS A 36 13.29 1.24 1.30
C LYS A 36 12.02 1.06 2.14
N GLN A 37 11.52 2.17 2.67
CA GLN A 37 10.31 2.14 3.49
C GLN A 37 9.29 1.16 2.91
N HIS A 38 8.97 1.34 1.63
CA HIS A 38 8.00 0.48 0.96
C HIS A 38 8.55 -0.94 0.83
N ILE A 39 9.71 -1.07 0.21
CA ILE A 39 10.33 -2.37 0.01
C ILE A 39 10.18 -3.25 1.25
N SER A 40 10.70 -2.76 2.38
CA SER A 40 10.62 -3.50 3.63
C SER A 40 9.27 -4.19 3.77
N LYS A 41 8.20 -3.45 3.53
CA LYS A 41 6.84 -3.99 3.62
C LYS A 41 6.63 -5.10 2.60
N VAL A 42 7.17 -4.90 1.40
CA VAL A 42 7.04 -5.89 0.33
C VAL A 42 7.76 -7.18 0.69
N ARG A 43 8.81 -7.07 1.50
CA ARG A 43 9.57 -8.24 1.92
C ARG A 43 8.90 -8.94 3.10
N GLU A 44 8.62 -8.18 4.15
CA GLU A 44 7.97 -8.73 5.33
C GLU A 44 6.69 -9.48 4.96
N THR A 45 6.05 -9.04 3.89
CA THR A 45 4.81 -9.66 3.42
C THR A 45 5.08 -11.04 2.84
N VAL A 46 5.82 -11.07 1.72
CA VAL A 46 6.15 -12.32 1.05
C VAL A 46 7.65 -12.56 1.05
N GLY A 47 8.42 -11.47 0.99
CA GLY A 47 9.87 -11.59 0.98
C GLY A 47 10.35 -12.83 0.25
N SER A 48 10.77 -13.84 1.01
CA SER A 48 11.27 -15.08 0.43
C SER A 48 10.19 -16.16 0.49
N GLN A 49 10.20 -17.05 -0.51
CA GLN A 49 9.23 -18.13 -0.57
C GLN A 49 9.69 -19.32 0.28
N LEU A 50 8.90 -19.64 1.30
CA LEU A 50 9.23 -20.76 2.18
C LEU A 50 9.37 -22.06 1.39
N ASP A 51 10.24 -22.94 1.88
CA ASP A 51 10.47 -24.23 1.21
C ASP A 51 9.34 -25.20 1.53
N ARG A 52 8.11 -24.80 1.23
CA ARG A 52 6.94 -25.65 1.48
C ARG A 52 6.53 -26.39 0.21
N GLU A 53 5.75 -27.46 0.38
CA GLU A 53 5.29 -28.26 -0.74
C GLU A 53 3.77 -28.15 -0.90
N LYS A 54 3.05 -28.49 0.17
CA LYS A 54 1.59 -28.43 0.14
C LYS A 54 1.11 -27.04 0.53
N ASP A 55 -0.05 -26.66 -0.03
CA ASP A 55 -0.63 -25.35 0.25
C ASP A 55 -1.80 -25.47 1.21
N GLY A 1 -34.71 5.11 -0.03
CA GLY A 1 -33.32 5.52 -0.23
C GLY A 1 -32.96 6.77 0.53
N SER A 2 -31.90 6.70 1.32
CA SER A 2 -31.45 7.84 2.12
C SER A 2 -30.89 8.93 1.22
N SER A 3 -29.94 8.56 0.37
CA SER A 3 -29.31 9.51 -0.53
C SER A 3 -29.67 9.20 -1.99
N GLY A 4 -30.53 10.04 -2.58
CA GLY A 4 -30.94 9.82 -3.95
C GLY A 4 -30.05 10.57 -4.93
N SER A 5 -30.03 11.89 -4.84
CA SER A 5 -29.23 12.71 -5.72
C SER A 5 -27.82 12.16 -5.85
N SER A 6 -27.11 12.10 -4.72
CA SER A 6 -25.74 11.60 -4.70
C SER A 6 -25.72 10.09 -4.93
N GLY A 7 -24.98 9.66 -5.95
CA GLY A 7 -24.88 8.25 -6.26
C GLY A 7 -23.51 7.86 -6.78
N GLY A 8 -23.08 6.65 -6.43
CA GLY A 8 -21.77 6.18 -6.87
C GLY A 8 -20.78 6.07 -5.72
N THR A 9 -20.00 5.01 -5.72
CA THR A 9 -19.01 4.78 -4.67
C THR A 9 -17.62 4.57 -5.26
N ASP A 10 -16.88 5.66 -5.41
CA ASP A 10 -15.53 5.60 -5.96
C ASP A 10 -14.63 6.66 -5.34
N GLY A 11 -13.33 6.52 -5.53
CA GLY A 11 -12.38 7.47 -4.97
C GLY A 11 -10.95 6.95 -4.99
N THR A 12 -10.23 7.25 -6.05
CA THR A 12 -8.84 6.81 -6.19
C THR A 12 -7.88 7.88 -5.68
N LYS A 13 -7.22 7.59 -4.57
CA LYS A 13 -6.26 8.52 -3.98
C LYS A 13 -4.88 7.89 -3.88
N PRO A 14 -3.83 8.74 -3.91
CA PRO A 14 -2.45 8.29 -3.83
C PRO A 14 -2.09 7.75 -2.44
N GLU A 15 -2.24 6.44 -2.26
CA GLU A 15 -1.94 5.81 -0.99
C GLU A 15 -1.37 4.41 -1.19
N CYS A 16 -0.86 3.82 -0.12
CA CYS A 16 -0.28 2.48 -0.18
C CYS A 16 -0.96 1.55 0.83
N THR A 17 -2.15 1.09 0.49
CA THR A 17 -2.90 0.19 1.36
C THR A 17 -2.02 -0.95 1.86
N LEU A 18 -0.94 -1.21 1.15
CA LEU A 18 -0.01 -2.27 1.52
C LEU A 18 0.86 -1.85 2.69
N CYS A 19 1.43 -0.66 2.60
CA CYS A 19 2.29 -0.14 3.65
C CYS A 19 1.55 0.90 4.50
N GLY A 20 0.26 1.05 4.24
CA GLY A 20 -0.54 2.01 4.98
C GLY A 20 0.05 3.40 4.96
N VAL A 21 0.85 3.69 3.95
CA VAL A 21 1.49 4.99 3.82
C VAL A 21 0.81 5.83 2.75
N LYS A 22 -0.09 6.71 3.19
CA LYS A 22 -0.81 7.59 2.27
C LYS A 22 0.09 8.70 1.75
N TYR A 23 0.42 8.65 0.46
CA TYR A 23 1.27 9.66 -0.15
C TYR A 23 0.61 11.04 -0.11
N SER A 24 1.38 12.06 -0.40
CA SER A 24 0.88 13.43 -0.40
C SER A 24 0.60 13.91 -1.82
N ALA A 25 -0.24 14.93 -1.94
CA ALA A 25 -0.58 15.49 -3.24
C ALA A 25 0.63 15.52 -4.17
N ARG A 26 1.81 15.69 -3.58
CA ARG A 26 3.05 15.73 -4.36
C ARG A 26 3.58 14.32 -4.61
N LEU A 27 4.05 13.67 -3.56
CA LEU A 27 4.58 12.31 -3.68
C LEU A 27 3.78 11.49 -4.68
N SER A 28 4.42 10.48 -5.26
CA SER A 28 3.78 9.63 -6.25
C SER A 28 4.01 8.15 -5.92
N ILE A 29 3.04 7.32 -6.28
CA ILE A 29 3.15 5.88 -6.03
C ILE A 29 4.55 5.37 -6.33
N ARG A 30 5.16 5.94 -7.37
CA ARG A 30 6.51 5.54 -7.77
C ARG A 30 7.53 5.95 -6.72
N ASP A 31 7.62 7.24 -6.46
CA ASP A 31 8.57 7.76 -5.47
C ASP A 31 8.52 6.92 -4.20
N HIS A 32 7.34 6.43 -3.86
CA HIS A 32 7.16 5.62 -2.66
C HIS A 32 7.81 4.24 -2.83
N ILE A 33 7.21 3.43 -3.68
CA ILE A 33 7.72 2.08 -3.94
C ILE A 33 9.23 2.10 -4.14
N PHE A 34 9.75 3.24 -4.56
CA PHE A 34 11.19 3.39 -4.80
C PHE A 34 11.90 3.82 -3.52
N SER A 35 11.29 3.53 -2.38
CA SER A 35 11.85 3.89 -1.08
C SER A 35 11.94 2.68 -0.16
N LYS A 36 12.95 2.65 0.70
CA LYS A 36 13.13 1.55 1.63
C LYS A 36 11.86 1.28 2.41
N GLN A 37 11.31 2.32 3.03
CA GLN A 37 10.09 2.20 3.82
C GLN A 37 9.13 1.20 3.16
N HIS A 38 8.97 1.31 1.85
CA HIS A 38 8.08 0.43 1.11
C HIS A 38 8.72 -0.95 0.91
N ILE A 39 9.98 -0.95 0.48
CA ILE A 39 10.71 -2.19 0.25
C ILE A 39 10.44 -3.19 1.37
N SER A 40 10.83 -2.83 2.59
CA SER A 40 10.63 -3.70 3.75
C SER A 40 9.26 -4.34 3.71
N LYS A 41 8.22 -3.53 3.57
CA LYS A 41 6.86 -4.03 3.53
C LYS A 41 6.71 -5.10 2.46
N VAL A 42 7.29 -4.87 1.29
CA VAL A 42 7.23 -5.83 0.19
C VAL A 42 7.90 -7.14 0.57
N ARG A 43 8.89 -7.06 1.45
CA ARG A 43 9.61 -8.24 1.90
C ARG A 43 8.91 -8.91 3.07
N GLU A 44 8.25 -8.09 3.90
CA GLU A 44 7.54 -8.60 5.06
C GLU A 44 6.25 -9.30 4.64
N THR A 45 5.74 -8.96 3.46
CA THR A 45 4.53 -9.56 2.95
C THR A 45 4.78 -10.95 2.39
N VAL A 46 5.76 -11.05 1.50
CA VAL A 46 6.12 -12.33 0.89
C VAL A 46 7.61 -12.62 1.03
N GLY A 47 8.41 -11.56 0.94
CA GLY A 47 9.86 -11.71 1.06
C GLY A 47 10.38 -12.85 0.20
N SER A 48 11.58 -13.33 0.54
CA SER A 48 12.19 -14.42 -0.21
C SER A 48 13.00 -15.33 0.71
N GLN A 49 13.62 -16.35 0.14
CA GLN A 49 14.42 -17.29 0.91
C GLN A 49 15.22 -16.57 1.99
N LEU A 50 15.09 -17.03 3.23
CA LEU A 50 15.80 -16.43 4.36
C LEU A 50 16.44 -17.49 5.23
N ASP A 51 17.68 -17.25 5.64
CA ASP A 51 18.40 -18.18 6.49
C ASP A 51 18.38 -17.73 7.94
N ARG A 52 17.63 -18.45 8.77
CA ARG A 52 17.53 -18.13 10.18
C ARG A 52 18.57 -18.88 10.99
N GLU A 53 19.69 -18.20 11.26
CA GLU A 53 20.78 -18.81 12.03
C GLU A 53 20.73 -18.34 13.49
N LYS A 54 20.67 -17.04 13.68
CA LYS A 54 20.63 -16.46 15.02
C LYS A 54 19.28 -16.72 15.68
N ASP A 55 19.27 -17.62 16.67
CA ASP A 55 18.05 -17.96 17.38
C ASP A 55 17.80 -16.99 18.53
N GLY A 1 -31.22 -0.62 -0.80
CA GLY A 1 -30.75 -0.12 0.48
C GLY A 1 -31.86 0.59 1.25
N SER A 2 -32.47 -0.12 2.19
CA SER A 2 -33.55 0.45 3.00
C SER A 2 -32.99 1.35 4.09
N SER A 3 -33.62 2.50 4.28
CA SER A 3 -33.19 3.46 5.30
C SER A 3 -31.80 4.00 4.97
N GLY A 4 -31.57 4.30 3.69
CA GLY A 4 -30.28 4.82 3.27
C GLY A 4 -29.21 3.76 3.27
N SER A 5 -27.98 4.19 2.96
CA SER A 5 -26.84 3.26 2.92
C SER A 5 -25.57 3.94 3.41
N SER A 6 -24.51 3.16 3.54
CA SER A 6 -23.23 3.69 4.01
C SER A 6 -22.07 2.85 3.47
N GLY A 7 -21.06 3.52 2.92
CA GLY A 7 -19.91 2.82 2.38
C GLY A 7 -19.87 2.85 0.87
N GLY A 8 -18.71 3.23 0.32
CA GLY A 8 -18.57 3.29 -1.13
C GLY A 8 -17.28 3.95 -1.55
N THR A 9 -16.17 3.23 -1.44
CA THR A 9 -14.87 3.76 -1.81
C THR A 9 -14.63 3.63 -3.30
N ASP A 10 -14.76 4.75 -4.02
CA ASP A 10 -14.56 4.77 -5.46
C ASP A 10 -13.39 5.66 -5.83
N GLY A 11 -13.36 6.87 -5.25
CA GLY A 11 -12.29 7.80 -5.54
C GLY A 11 -10.93 7.14 -5.51
N THR A 12 -10.12 7.42 -6.53
CA THR A 12 -8.78 6.85 -6.62
C THR A 12 -7.74 7.77 -6.00
N LYS A 13 -7.45 7.56 -4.71
CA LYS A 13 -6.48 8.38 -4.01
C LYS A 13 -5.13 7.67 -3.93
N PRO A 14 -4.05 8.44 -4.12
CA PRO A 14 -2.68 7.92 -4.07
C PRO A 14 -2.27 7.49 -2.67
N GLU A 15 -2.45 6.21 -2.35
CA GLU A 15 -2.10 5.69 -1.03
C GLU A 15 -1.60 4.25 -1.15
N CYS A 16 -0.97 3.76 -0.08
CA CYS A 16 -0.44 2.41 -0.05
C CYS A 16 -1.14 1.58 1.03
N THR A 17 -2.14 0.80 0.62
CA THR A 17 -2.88 -0.03 1.56
C THR A 17 -2.02 -1.18 2.07
N LEU A 18 -0.84 -1.34 1.49
CA LEU A 18 0.08 -2.40 1.88
C LEU A 18 1.02 -1.93 2.99
N CYS A 19 1.52 -0.70 2.86
CA CYS A 19 2.43 -0.13 3.84
C CYS A 19 1.70 0.90 4.70
N GLY A 20 0.39 1.00 4.53
CA GLY A 20 -0.39 1.95 5.30
C GLY A 20 0.09 3.37 5.12
N VAL A 21 0.86 3.61 4.06
CA VAL A 21 1.39 4.94 3.79
C VAL A 21 0.59 5.63 2.68
N LYS A 22 -0.13 6.68 3.05
CA LYS A 22 -0.94 7.43 2.09
C LYS A 22 -0.14 8.58 1.50
N TYR A 23 0.25 8.43 0.23
CA TYR A 23 1.02 9.46 -0.45
C TYR A 23 0.32 10.82 -0.38
N SER A 24 1.10 11.89 -0.46
CA SER A 24 0.56 13.24 -0.39
C SER A 24 0.16 13.73 -1.78
N ALA A 25 -0.60 14.82 -1.83
CA ALA A 25 -1.03 15.40 -3.09
C ALA A 25 0.13 15.56 -4.06
N ARG A 26 1.35 15.53 -3.52
CA ARG A 26 2.55 15.68 -4.34
C ARG A 26 3.19 14.32 -4.61
N LEU A 27 3.63 13.65 -3.54
CA LEU A 27 4.26 12.35 -3.67
C LEU A 27 3.52 11.48 -4.68
N SER A 28 4.16 10.39 -5.10
CA SER A 28 3.57 9.47 -6.06
C SER A 28 3.87 8.03 -5.70
N ILE A 29 3.14 7.10 -6.31
CA ILE A 29 3.34 5.68 -6.05
C ILE A 29 4.79 5.28 -6.27
N ARG A 30 5.43 5.91 -7.25
CA ARG A 30 6.82 5.61 -7.57
C ARG A 30 7.74 6.07 -6.44
N ASP A 31 7.84 7.38 -6.25
CA ASP A 31 8.68 7.94 -5.20
C ASP A 31 8.61 7.09 -3.93
N HIS A 32 7.47 6.46 -3.72
CA HIS A 32 7.27 5.61 -2.54
C HIS A 32 7.96 4.27 -2.72
N ILE A 33 7.41 3.45 -3.61
CA ILE A 33 7.98 2.13 -3.87
C ILE A 33 9.47 2.21 -4.16
N PHE A 34 9.93 3.41 -4.50
CA PHE A 34 11.35 3.62 -4.80
C PHE A 34 12.10 4.03 -3.54
N SER A 35 11.58 3.64 -2.38
CA SER A 35 12.20 3.97 -1.11
C SER A 35 12.16 2.78 -0.15
N LYS A 36 13.29 2.45 0.43
CA LYS A 36 13.38 1.33 1.37
C LYS A 36 12.09 1.18 2.16
N GLN A 37 11.56 2.32 2.63
CA GLN A 37 10.32 2.32 3.40
C GLN A 37 9.33 1.31 2.85
N HIS A 38 9.00 1.45 1.56
CA HIS A 38 8.06 0.55 0.91
C HIS A 38 8.64 -0.85 0.79
N ILE A 39 9.79 -0.95 0.13
CA ILE A 39 10.45 -2.23 -0.05
C ILE A 39 10.31 -3.11 1.18
N SER A 40 10.54 -2.52 2.35
CA SER A 40 10.44 -3.25 3.61
C SER A 40 9.14 -4.04 3.67
N LYS A 41 8.01 -3.34 3.55
CA LYS A 41 6.70 -3.97 3.60
C LYS A 41 6.60 -5.07 2.55
N VAL A 42 7.17 -4.83 1.38
CA VAL A 42 7.14 -5.81 0.29
C VAL A 42 7.81 -7.12 0.72
N ARG A 43 8.83 -7.01 1.56
CA ARG A 43 9.54 -8.18 2.05
C ARG A 43 8.79 -8.85 3.19
N GLU A 44 8.06 -8.05 3.95
CA GLU A 44 7.29 -8.57 5.08
C GLU A 44 6.07 -9.34 4.60
N THR A 45 5.24 -8.69 3.79
CA THR A 45 4.05 -9.33 3.25
C THR A 45 4.30 -10.80 2.89
N VAL A 46 5.44 -11.05 2.24
CA VAL A 46 5.80 -12.40 1.85
C VAL A 46 7.16 -12.78 2.40
N GLY A 47 7.18 -13.79 3.27
CA GLY A 47 8.42 -14.25 3.86
C GLY A 47 9.44 -14.68 2.82
N SER A 48 10.70 -14.78 3.23
CA SER A 48 11.76 -15.18 2.32
C SER A 48 12.24 -16.60 2.64
N GLN A 49 11.29 -17.49 2.89
CA GLN A 49 11.61 -18.88 3.21
C GLN A 49 12.83 -19.35 2.42
N LEU A 50 13.82 -19.88 3.14
CA LEU A 50 15.05 -20.37 2.51
C LEU A 50 15.28 -21.84 2.85
N ASP A 51 14.86 -22.72 1.95
CA ASP A 51 15.02 -24.15 2.15
C ASP A 51 16.48 -24.56 1.95
N ARG A 52 17.12 -24.98 3.03
CA ARG A 52 18.52 -25.40 2.97
C ARG A 52 18.63 -26.91 2.79
N GLU A 53 17.70 -27.65 3.39
CA GLU A 53 17.69 -29.10 3.29
C GLU A 53 17.59 -29.55 1.85
N LYS A 54 18.04 -30.77 1.57
CA LYS A 54 17.99 -31.32 0.22
C LYS A 54 17.03 -32.49 0.15
N ASP A 55 16.36 -32.64 -0.99
CA ASP A 55 15.41 -33.72 -1.19
C ASP A 55 15.98 -34.78 -2.14
N GLY A 1 -38.33 17.77 -10.54
CA GLY A 1 -37.04 18.12 -11.12
C GLY A 1 -35.90 17.33 -10.51
N SER A 2 -34.70 17.90 -10.53
CA SER A 2 -33.52 17.23 -9.98
C SER A 2 -32.76 18.16 -9.04
N SER A 3 -32.13 17.59 -8.03
CA SER A 3 -31.37 18.36 -7.06
C SER A 3 -29.90 17.97 -7.09
N GLY A 4 -29.08 18.67 -6.32
CA GLY A 4 -27.67 18.38 -6.26
C GLY A 4 -27.33 17.21 -5.36
N SER A 5 -27.42 17.45 -4.05
CA SER A 5 -27.13 16.40 -3.07
C SER A 5 -26.00 15.50 -3.56
N SER A 6 -24.97 16.12 -4.14
CA SER A 6 -23.82 15.37 -4.65
C SER A 6 -22.61 16.29 -4.80
N GLY A 7 -21.54 15.95 -4.09
CA GLY A 7 -20.33 16.75 -4.16
C GLY A 7 -19.65 16.66 -5.50
N GLY A 8 -18.35 16.96 -5.53
CA GLY A 8 -17.61 16.91 -6.78
C GLY A 8 -17.06 15.52 -7.06
N THR A 9 -17.54 14.92 -8.14
CA THR A 9 -17.10 13.58 -8.52
C THR A 9 -15.59 13.42 -8.35
N ASP A 10 -15.18 12.30 -7.78
CA ASP A 10 -13.76 12.04 -7.55
C ASP A 10 -13.36 10.69 -8.16
N GLY A 11 -12.06 10.41 -8.13
CA GLY A 11 -11.57 9.16 -8.69
C GLY A 11 -10.83 8.32 -7.66
N THR A 12 -9.52 8.15 -7.86
CA THR A 12 -8.71 7.36 -6.95
C THR A 12 -7.77 8.25 -6.14
N LYS A 13 -7.34 7.75 -4.98
CA LYS A 13 -6.45 8.50 -4.12
C LYS A 13 -5.09 7.81 -3.99
N PRO A 14 -4.02 8.61 -4.07
CA PRO A 14 -2.65 8.09 -3.97
C PRO A 14 -2.31 7.60 -2.57
N GLU A 15 -2.52 6.31 -2.34
CA GLU A 15 -2.24 5.71 -1.03
C GLU A 15 -1.58 4.35 -1.19
N CYS A 16 -1.10 3.80 -0.08
CA CYS A 16 -0.45 2.50 -0.09
C CYS A 16 -1.05 1.57 0.97
N THR A 17 -2.26 1.08 0.70
CA THR A 17 -2.95 0.20 1.63
C THR A 17 -2.00 -0.88 2.16
N LEU A 18 -0.95 -1.16 1.41
CA LEU A 18 0.03 -2.17 1.80
C LEU A 18 0.88 -1.66 2.97
N CYS A 19 1.39 -0.44 2.84
CA CYS A 19 2.21 0.15 3.88
C CYS A 19 1.42 1.16 4.70
N GLY A 20 0.12 1.26 4.42
CA GLY A 20 -0.73 2.18 5.14
C GLY A 20 -0.27 3.62 5.01
N VAL A 21 0.61 3.87 4.03
CA VAL A 21 1.13 5.21 3.80
C VAL A 21 0.35 5.92 2.70
N LYS A 22 -0.22 7.07 3.04
CA LYS A 22 -1.00 7.85 2.09
C LYS A 22 -0.16 8.98 1.49
N TYR A 23 0.32 8.77 0.27
CA TYR A 23 1.15 9.76 -0.41
C TYR A 23 0.45 11.12 -0.43
N SER A 24 1.22 12.16 -0.73
CA SER A 24 0.68 13.52 -0.78
C SER A 24 0.47 13.98 -2.22
N ALA A 25 -0.40 14.96 -2.40
CA ALA A 25 -0.69 15.48 -3.73
C ALA A 25 0.57 15.52 -4.59
N ARG A 26 1.72 15.67 -3.94
CA ARG A 26 2.99 15.72 -4.65
C ARG A 26 3.56 14.32 -4.87
N LEU A 27 3.96 13.67 -3.77
CA LEU A 27 4.52 12.32 -3.85
C LEU A 27 3.77 11.48 -4.87
N SER A 28 4.42 10.42 -5.34
CA SER A 28 3.81 9.53 -6.32
C SER A 28 4.06 8.06 -5.95
N ILE A 29 3.12 7.20 -6.34
CA ILE A 29 3.24 5.78 -6.05
C ILE A 29 4.67 5.28 -6.26
N ARG A 30 5.28 5.73 -7.35
CA ARG A 30 6.65 5.33 -7.67
C ARG A 30 7.61 5.82 -6.61
N ASP A 31 7.81 7.14 -6.55
CA ASP A 31 8.71 7.72 -5.57
C ASP A 31 8.62 7.01 -4.23
N HIS A 32 7.44 6.45 -3.94
CA HIS A 32 7.22 5.73 -2.69
C HIS A 32 7.86 4.35 -2.74
N ILE A 33 7.29 3.46 -3.55
CA ILE A 33 7.80 2.11 -3.69
C ILE A 33 9.31 2.10 -3.85
N PHE A 34 9.86 3.22 -4.31
CA PHE A 34 11.30 3.36 -4.51
C PHE A 34 11.98 3.82 -3.23
N SER A 35 11.38 3.48 -2.09
CA SER A 35 11.93 3.87 -0.79
C SER A 35 11.97 2.68 0.15
N LYS A 36 13.13 2.46 0.76
CA LYS A 36 13.31 1.36 1.70
C LYS A 36 12.04 1.11 2.51
N GLN A 37 11.45 2.20 3.01
CA GLN A 37 10.23 2.11 3.80
C GLN A 37 9.27 1.11 3.20
N HIS A 38 8.98 1.28 1.90
CA HIS A 38 8.06 0.39 1.20
C HIS A 38 8.72 -0.95 0.92
N ILE A 39 9.96 -0.92 0.46
CA ILE A 39 10.70 -2.14 0.15
C ILE A 39 10.50 -3.18 1.25
N SER A 40 10.88 -2.83 2.47
CA SER A 40 10.74 -3.74 3.61
C SER A 40 9.36 -4.37 3.64
N LYS A 41 8.33 -3.53 3.55
CA LYS A 41 6.95 -4.00 3.57
C LYS A 41 6.71 -5.04 2.48
N VAL A 42 7.39 -4.86 1.35
CA VAL A 42 7.26 -5.78 0.22
C VAL A 42 7.89 -7.13 0.54
N ARG A 43 9.00 -7.10 1.28
CA ARG A 43 9.70 -8.32 1.64
C ARG A 43 9.02 -9.01 2.82
N GLU A 44 8.39 -8.21 3.68
CA GLU A 44 7.70 -8.74 4.84
C GLU A 44 6.31 -9.27 4.46
N THR A 45 5.54 -8.43 3.78
CA THR A 45 4.20 -8.81 3.36
C THR A 45 4.16 -10.25 2.86
N VAL A 46 5.27 -10.70 2.26
CA VAL A 46 5.36 -12.05 1.74
C VAL A 46 6.56 -12.79 2.34
N GLY A 47 6.28 -13.86 3.08
CA GLY A 47 7.35 -14.63 3.69
C GLY A 47 8.49 -14.90 2.73
N SER A 48 9.68 -15.10 3.28
CA SER A 48 10.87 -15.37 2.46
C SER A 48 11.24 -16.84 2.52
N GLN A 49 10.23 -17.70 2.46
CA GLN A 49 10.46 -19.15 2.50
C GLN A 49 11.76 -19.52 1.80
N LEU A 50 12.01 -18.88 0.65
CA LEU A 50 13.22 -19.14 -0.12
C LEU A 50 14.38 -18.29 0.38
N ASP A 51 15.26 -18.91 1.16
CA ASP A 51 16.42 -18.20 1.71
C ASP A 51 17.70 -18.65 1.02
N ARG A 52 18.80 -17.97 1.31
CA ARG A 52 20.10 -18.31 0.72
C ARG A 52 20.66 -19.58 1.33
N GLU A 53 21.76 -20.06 0.77
CA GLU A 53 22.41 -21.28 1.26
C GLU A 53 23.86 -21.01 1.64
N LYS A 54 24.60 -20.43 0.70
CA LYS A 54 26.02 -20.12 0.93
C LYS A 54 26.25 -19.71 2.37
N ASP A 55 25.56 -18.66 2.81
CA ASP A 55 25.70 -18.17 4.18
C ASP A 55 24.45 -18.48 5.00
N GLY A 1 -38.89 17.07 1.11
CA GLY A 1 -37.54 17.60 1.14
C GLY A 1 -36.69 17.07 0.01
N SER A 2 -35.37 17.00 0.23
CA SER A 2 -34.45 16.52 -0.79
C SER A 2 -34.37 15.00 -0.77
N SER A 3 -33.96 14.44 0.38
CA SER A 3 -33.83 13.00 0.52
C SER A 3 -32.95 12.42 -0.58
N GLY A 4 -31.86 13.10 -0.88
CA GLY A 4 -30.94 12.64 -1.91
C GLY A 4 -29.56 13.23 -1.77
N SER A 5 -28.55 12.49 -2.21
CA SER A 5 -27.16 12.95 -2.12
C SER A 5 -26.25 12.06 -2.95
N SER A 6 -25.18 12.65 -3.49
CA SER A 6 -24.23 11.91 -4.30
C SER A 6 -22.90 11.76 -3.58
N GLY A 7 -21.96 11.05 -4.21
CA GLY A 7 -20.66 10.83 -3.62
C GLY A 7 -19.64 10.34 -4.61
N GLY A 8 -18.36 10.64 -4.36
CA GLY A 8 -17.31 10.22 -5.26
C GLY A 8 -17.10 8.72 -5.23
N THR A 9 -17.94 8.00 -5.97
CA THR A 9 -17.85 6.55 -6.03
C THR A 9 -16.54 6.11 -6.67
N ASP A 10 -16.32 6.53 -7.90
CA ASP A 10 -15.10 6.18 -8.63
C ASP A 10 -14.02 7.23 -8.40
N GLY A 11 -13.21 7.00 -7.37
CA GLY A 11 -12.14 7.92 -7.06
C GLY A 11 -10.89 7.22 -6.53
N THR A 12 -9.86 7.17 -7.37
CA THR A 12 -8.61 6.52 -6.99
C THR A 12 -7.61 7.52 -6.42
N LYS A 13 -7.37 7.45 -5.13
CA LYS A 13 -6.44 8.36 -4.46
C LYS A 13 -5.08 7.69 -4.28
N PRO A 14 -4.02 8.50 -4.35
CA PRO A 14 -2.63 8.02 -4.19
C PRO A 14 -2.34 7.59 -2.76
N GLU A 15 -2.47 6.29 -2.49
CA GLU A 15 -2.21 5.76 -1.15
C GLU A 15 -1.63 4.34 -1.24
N CYS A 16 -1.10 3.86 -0.12
CA CYS A 16 -0.52 2.53 -0.08
C CYS A 16 -1.17 1.69 1.03
N THR A 17 -2.36 1.18 0.74
CA THR A 17 -3.10 0.36 1.70
C THR A 17 -2.22 -0.77 2.25
N LEU A 18 -1.13 -1.04 1.55
CA LEU A 18 -0.21 -2.11 1.96
C LEU A 18 0.70 -1.62 3.10
N CYS A 19 1.27 -0.44 2.92
CA CYS A 19 2.16 0.13 3.94
C CYS A 19 1.44 1.19 4.75
N GLY A 20 0.14 1.35 4.49
CA GLY A 20 -0.65 2.34 5.21
C GLY A 20 -0.13 3.75 5.01
N VAL A 21 0.66 3.94 3.95
CA VAL A 21 1.21 5.25 3.65
C VAL A 21 0.42 5.95 2.55
N LYS A 22 -0.24 7.05 2.91
CA LYS A 22 -1.04 7.81 1.96
C LYS A 22 -0.23 8.94 1.35
N TYR A 23 0.23 8.74 0.12
CA TYR A 23 1.02 9.76 -0.57
C TYR A 23 0.28 11.08 -0.62
N SER A 24 1.02 12.15 -0.93
CA SER A 24 0.42 13.49 -1.01
C SER A 24 0.14 13.86 -2.46
N ALA A 25 -0.50 15.01 -2.65
CA ALA A 25 -0.83 15.50 -3.98
C ALA A 25 0.41 15.58 -4.86
N ARG A 26 1.58 15.57 -4.23
CA ARG A 26 2.84 15.64 -4.96
C ARG A 26 3.45 14.25 -5.13
N LEU A 27 3.75 13.60 -4.02
CA LEU A 27 4.34 12.26 -4.04
C LEU A 27 3.61 11.38 -5.05
N SER A 28 4.32 10.36 -5.55
CA SER A 28 3.75 9.44 -6.52
C SER A 28 4.03 7.99 -6.13
N ILE A 29 3.10 7.09 -6.46
CA ILE A 29 3.25 5.68 -6.15
C ILE A 29 4.71 5.25 -6.28
N ARG A 30 5.34 5.65 -7.38
CA ARG A 30 6.74 5.30 -7.63
C ARG A 30 7.64 5.77 -6.48
N ASP A 31 7.78 7.08 -6.34
CA ASP A 31 8.61 7.65 -5.29
C ASP A 31 8.50 6.83 -4.01
N HIS A 32 7.28 6.40 -3.70
CA HIS A 32 7.04 5.60 -2.49
C HIS A 32 7.71 4.23 -2.61
N ILE A 33 7.15 3.38 -3.47
CA ILE A 33 7.69 2.05 -3.67
C ILE A 33 9.21 2.09 -3.90
N PHE A 34 9.69 3.24 -4.35
CA PHE A 34 11.12 3.41 -4.60
C PHE A 34 11.85 3.88 -3.35
N SER A 35 11.33 3.49 -2.19
CA SER A 35 11.92 3.87 -0.91
C SER A 35 11.97 2.68 0.04
N LYS A 36 13.16 2.42 0.58
CA LYS A 36 13.35 1.31 1.51
C LYS A 36 12.12 1.10 2.37
N GLN A 37 11.63 2.18 2.98
CA GLN A 37 10.45 2.11 3.83
C GLN A 37 9.42 1.14 3.26
N HIS A 38 9.05 1.35 2.00
CA HIS A 38 8.08 0.49 1.33
C HIS A 38 8.69 -0.87 1.00
N ILE A 39 9.97 -0.87 0.65
CA ILE A 39 10.67 -2.10 0.31
C ILE A 39 10.49 -3.15 1.40
N SER A 40 10.82 -2.79 2.62
CA SER A 40 10.69 -3.71 3.75
C SER A 40 9.32 -4.36 3.77
N LYS A 41 8.28 -3.57 3.51
CA LYS A 41 6.91 -4.08 3.49
C LYS A 41 6.73 -5.10 2.37
N VAL A 42 7.38 -4.85 1.24
CA VAL A 42 7.29 -5.76 0.09
C VAL A 42 8.02 -7.06 0.37
N ARG A 43 9.03 -7.01 1.24
CA ARG A 43 9.82 -8.19 1.58
C ARG A 43 9.14 -8.97 2.70
N GLU A 44 8.48 -8.27 3.61
CA GLU A 44 7.78 -8.90 4.72
C GLU A 44 6.43 -9.44 4.28
N THR A 45 5.64 -8.59 3.62
CA THR A 45 4.32 -8.98 3.16
C THR A 45 4.33 -10.40 2.61
N VAL A 46 5.45 -10.80 2.03
CA VAL A 46 5.59 -12.14 1.46
C VAL A 46 6.66 -12.93 2.20
N GLY A 47 7.80 -12.30 2.45
CA GLY A 47 8.88 -12.97 3.14
C GLY A 47 8.39 -13.86 4.27
N SER A 48 8.86 -15.10 4.29
CA SER A 48 8.46 -16.06 5.31
C SER A 48 9.07 -15.69 6.67
N GLN A 49 8.20 -15.37 7.63
CA GLN A 49 8.65 -15.00 8.97
C GLN A 49 8.57 -16.20 9.91
N LEU A 50 9.12 -16.02 11.11
CA LEU A 50 9.11 -17.08 12.12
C LEU A 50 8.35 -16.64 13.37
N ASP A 51 7.03 -16.82 13.33
CA ASP A 51 6.18 -16.44 14.47
C ASP A 51 6.10 -17.58 15.48
N ARG A 52 6.73 -17.40 16.63
CA ARG A 52 6.72 -18.41 17.67
C ARG A 52 6.06 -17.87 18.94
N GLU A 53 5.40 -18.77 19.68
CA GLU A 53 4.73 -18.38 20.92
C GLU A 53 5.12 -19.32 22.06
N LYS A 54 4.74 -18.94 23.28
CA LYS A 54 5.05 -19.74 24.46
C LYS A 54 3.91 -19.68 25.46
N ASP A 55 3.84 -20.69 26.33
CA ASP A 55 2.79 -20.75 27.35
C ASP A 55 3.35 -20.38 28.72
#